data_6XBE
#
_entry.id   6XBE
#
_cell.length_a   42.699
_cell.length_b   74.551
_cell.length_c   77.310
_cell.angle_alpha   96.520
_cell.angle_beta   103.110
_cell.angle_gamma   106.240
#
_symmetry.space_group_name_H-M   'P 1'
#
loop_
_entity.id
_entity.type
_entity.pdbx_description
1 polymer BlaNDM-4_1_JQ348841
2 polymer 'macrocycle inhibitor NDM1i-1F'
3 non-polymer 'ZINC ION'
4 water water
#
loop_
_entity_poly.entity_id
_entity_poly.type
_entity_poly.pdbx_seq_one_letter_code
_entity_poly.pdbx_strand_id
1 'polypeptide(L)'
;GSHMMPGEIRPTIGQQMETGDQRFGDLVFRQLAPNVWQHTSYLDMPGFGAVASNGLIVRDGGRVLVVDTAWTDDQTAQIL
NWIKQEINLPVALAVVTHAHQDKMGGMDALHAAGIATYANALSNQLAPQEGMVAAQHSLTFAANGWVEPATAPNFGPLKV
FYPGPGHTSDNITVGIDGTDIAFGGCLIKDSKAKSLGNLGDADTEHYAASARAFGAAFPKASMIVMSHSAPDSRAAITHT
ARMADKLR
;
A,B,C,D
2 'polypeptide(L)' (DAR)(DAR)L(DCY)PVPE F,G,H,I
#
# COMPACT_ATOMS: atom_id res chain seq x y z
N GLY A 20 -8.81 10.13 9.74
CA GLY A 20 -7.98 11.34 9.41
C GLY A 20 -8.54 12.64 10.00
N ASP A 21 -9.44 12.56 10.98
CA ASP A 21 -9.97 13.76 11.70
C ASP A 21 -8.95 14.23 12.73
N GLN A 22 -8.85 15.55 12.91
CA GLN A 22 -8.07 16.22 13.99
C GLN A 22 -9.06 16.97 14.87
N ARG A 23 -9.00 16.75 16.17
CA ARG A 23 -9.85 17.44 17.16
C ARG A 23 -9.02 18.58 17.74
N PHE A 24 -9.65 19.73 17.95
CA PHE A 24 -9.02 20.95 18.50
C PHE A 24 -10.06 21.63 19.38
N GLY A 25 -9.93 21.45 20.69
CA GLY A 25 -11.01 21.77 21.64
C GLY A 25 -12.30 21.05 21.26
N ASP A 26 -13.38 21.79 21.07
CA ASP A 26 -14.74 21.24 20.72
C ASP A 26 -14.92 21.19 19.19
N LEU A 27 -13.88 21.48 18.40
CA LEU A 27 -13.96 21.51 16.92
C LEU A 27 -13.26 20.29 16.32
N VAL A 28 -13.68 19.89 15.12
CA VAL A 28 -13.11 18.80 14.31
C VAL A 28 -12.75 19.37 12.94
N PHE A 29 -11.55 19.07 12.48
CA PHE A 29 -11.04 19.40 11.12
C PHE A 29 -10.74 18.08 10.42
N ARG A 30 -11.16 17.97 9.17
CA ARG A 30 -10.88 16.82 8.29
C ARG A 30 -10.30 17.37 7.00
N GLN A 31 -9.09 16.97 6.65
CA GLN A 31 -8.45 17.36 5.39
C GLN A 31 -9.17 16.63 4.26
N LEU A 32 -9.64 17.38 3.25
CA LEU A 32 -10.41 16.82 2.11
C LEU A 32 -9.53 16.78 0.88
N ALA A 33 -8.54 17.68 0.82
CA ALA A 33 -7.62 17.84 -0.32
C ALA A 33 -6.33 18.44 0.22
N PRO A 34 -5.24 18.47 -0.57
CA PRO A 34 -3.97 19.02 -0.09
C PRO A 34 -4.13 20.41 0.57
N ASN A 35 -5.05 21.25 0.07
CA ASN A 35 -5.25 22.65 0.52
C ASN A 35 -6.67 22.91 0.99
N VAL A 36 -7.46 21.88 1.34
CA VAL A 36 -8.89 22.06 1.74
C VAL A 36 -9.18 21.20 2.97
N TRP A 37 -9.75 21.83 4.00
CA TRP A 37 -10.27 21.15 5.22
C TRP A 37 -11.77 21.46 5.37
N GLN A 38 -12.50 20.51 5.94
CA GLN A 38 -13.84 20.74 6.49
C GLN A 38 -13.68 21.06 7.96
N HIS A 39 -14.27 22.18 8.41
CA HIS A 39 -14.42 22.48 9.86
C HIS A 39 -15.81 22.03 10.31
N THR A 40 -15.88 21.46 11.50
CA THR A 40 -17.14 21.01 12.11
C THR A 40 -17.20 21.58 13.52
N SER A 41 -18.30 22.24 13.84
CA SER A 41 -18.63 22.70 15.20
C SER A 41 -19.98 22.08 15.59
N TYR A 42 -20.28 22.06 16.88
CA TYR A 42 -21.43 21.35 17.46
C TYR A 42 -22.15 22.30 18.41
N LEU A 43 -23.47 22.29 18.33
CA LEU A 43 -24.36 22.90 19.35
C LEU A 43 -25.15 21.76 20.01
N ASP A 44 -24.94 21.56 21.30
CA ASP A 44 -25.64 20.58 22.16
C ASP A 44 -26.98 21.21 22.55
N MET A 45 -28.09 20.60 22.12
CA MET A 45 -29.46 21.00 22.52
C MET A 45 -29.94 19.98 23.57
N PRO A 46 -30.31 20.42 24.80
CA PRO A 46 -30.77 19.48 25.82
C PRO A 46 -31.93 18.63 25.30
N GLY A 47 -31.80 17.30 25.33
CA GLY A 47 -32.86 16.34 24.94
C GLY A 47 -32.90 16.04 23.45
N PHE A 48 -32.12 16.74 22.63
CA PHE A 48 -32.01 16.54 21.15
C PHE A 48 -30.59 16.08 20.77
N GLY A 49 -29.57 16.48 21.53
CA GLY A 49 -28.17 16.04 21.36
C GLY A 49 -27.36 17.07 20.58
N ALA A 50 -26.08 16.76 20.31
CA ALA A 50 -25.13 17.63 19.57
C ALA A 50 -25.53 17.67 18.09
N VAL A 51 -25.60 18.86 17.50
CA VAL A 51 -25.86 19.08 16.05
C VAL A 51 -24.59 19.61 15.40
N ALA A 52 -24.06 18.88 14.44
CA ALA A 52 -22.88 19.24 13.64
C ALA A 52 -23.28 20.32 12.64
N SER A 53 -22.38 21.27 12.40
CA SER A 53 -22.41 22.14 11.20
C SER A 53 -21.00 22.19 10.60
N ASN A 54 -20.93 21.99 9.28
CA ASN A 54 -19.68 21.93 8.50
C ASN A 54 -19.49 23.22 7.69
N GLY A 55 -18.26 23.72 7.65
CA GLY A 55 -17.79 24.70 6.65
C GLY A 55 -16.48 24.24 6.03
N LEU A 56 -15.82 25.15 5.30
CA LEU A 56 -14.55 24.88 4.61
C LEU A 56 -13.47 25.89 5.00
N ILE A 57 -12.23 25.41 4.98
CA ILE A 57 -10.98 26.19 5.08
C ILE A 57 -10.17 25.86 3.85
N VAL A 58 -9.76 26.87 3.09
CA VAL A 58 -8.98 26.70 1.83
C VAL A 58 -7.66 27.47 1.96
N ARG A 59 -6.53 26.78 1.83
CA ARG A 59 -5.19 27.39 1.64
C ARG A 59 -5.02 27.71 0.16
N ASP A 60 -4.84 28.99 -0.17
CA ASP A 60 -4.65 29.50 -1.55
C ASP A 60 -3.33 30.28 -1.59
N GLY A 61 -2.21 29.61 -1.89
CA GLY A 61 -0.87 30.23 -1.86
C GLY A 61 -0.53 30.71 -0.46
N GLY A 62 -0.43 32.02 -0.26
CA GLY A 62 -0.01 32.61 1.03
C GLY A 62 -1.15 33.13 1.86
N ARG A 63 -2.38 32.72 1.57
CA ARG A 63 -3.55 33.14 2.40
C ARG A 63 -4.52 31.96 2.59
N VAL A 64 -5.39 32.13 3.58
CA VAL A 64 -6.49 31.18 3.87
C VAL A 64 -7.82 31.89 3.58
N LEU A 65 -8.76 31.14 2.98
CA LEU A 65 -10.16 31.56 2.71
C LEU A 65 -11.06 30.66 3.53
N VAL A 66 -12.05 31.22 4.23
CA VAL A 66 -13.01 30.41 5.06
C VAL A 66 -14.40 30.46 4.40
N VAL A 67 -15.10 29.34 4.45
CA VAL A 67 -16.53 29.25 4.05
C VAL A 67 -17.30 28.89 5.31
N ASP A 68 -18.14 29.82 5.75
CA ASP A 68 -19.06 29.70 6.91
C ASP A 68 -18.30 29.84 8.23
N THR A 69 -18.95 30.45 9.20
CA THR A 69 -18.50 30.46 10.61
C THR A 69 -18.91 29.13 11.26
N ALA A 70 -18.54 28.99 12.52
CA ALA A 70 -19.12 27.99 13.45
C ALA A 70 -20.42 28.57 14.02
N TRP A 71 -21.14 27.76 14.80
CA TRP A 71 -22.38 28.19 15.49
C TRP A 71 -22.17 29.47 16.31
N THR A 72 -20.99 29.65 16.92
CA THR A 72 -20.74 30.75 17.89
C THR A 72 -19.42 31.49 17.60
N ASP A 73 -19.28 32.67 18.19
CA ASP A 73 -18.06 33.50 18.17
C ASP A 73 -16.90 32.70 18.80
N ASP A 74 -17.13 32.07 19.96
CA ASP A 74 -16.09 31.31 20.71
C ASP A 74 -15.58 30.16 19.83
N GLN A 75 -16.51 29.40 19.22
CA GLN A 75 -16.14 28.29 18.31
C GLN A 75 -15.37 28.85 17.10
N THR A 76 -15.80 30.00 16.57
CA THR A 76 -15.18 30.59 15.34
C THR A 76 -13.76 31.07 15.68
N ALA A 77 -13.57 31.67 16.86
CA ALA A 77 -12.23 32.03 17.39
C ALA A 77 -11.34 30.78 17.42
N GLN A 78 -11.87 29.65 17.85
CA GLN A 78 -11.08 28.38 17.92
C GLN A 78 -10.70 27.94 16.49
N ILE A 79 -11.56 28.17 15.50
CA ILE A 79 -11.21 27.85 14.08
C ILE A 79 -9.98 28.69 13.72
N LEU A 80 -9.97 29.98 14.06
CA LEU A 80 -8.86 30.90 13.71
C LEU A 80 -7.56 30.45 14.41
N ASN A 81 -7.68 29.92 15.63
CA ASN A 81 -6.53 29.40 16.41
C ASN A 81 -5.96 28.16 15.73
N TRP A 82 -6.84 27.24 15.32
CA TRP A 82 -6.42 26.02 14.57
C TRP A 82 -5.72 26.44 13.28
N ILE A 83 -6.26 27.41 12.54
CA ILE A 83 -5.65 27.86 11.26
C ILE A 83 -4.24 28.39 11.56
N LYS A 84 -4.11 29.22 12.61
CA LYS A 84 -2.82 29.84 12.97
C LYS A 84 -1.80 28.72 13.28
N GLN A 85 -2.24 27.68 14.01
CA GLN A 85 -1.38 26.57 14.45
C GLN A 85 -1.05 25.64 13.27
N GLU A 86 -2.03 25.20 12.49
CA GLU A 86 -1.81 24.12 11.50
CA GLU A 86 -1.81 24.12 11.50
C GLU A 86 -1.36 24.71 10.15
N ILE A 87 -1.84 25.90 9.78
CA ILE A 87 -1.56 26.46 8.44
C ILE A 87 -0.62 27.67 8.55
N ASN A 88 -0.80 28.49 9.60
CA ASN A 88 0.04 29.68 9.87
C ASN A 88 0.14 30.55 8.61
N LEU A 89 -1.01 30.95 8.06
CA LEU A 89 -1.14 31.98 6.99
C LEU A 89 -2.31 32.88 7.40
N PRO A 90 -2.36 34.15 6.97
CA PRO A 90 -3.48 35.03 7.31
C PRO A 90 -4.76 34.59 6.60
N VAL A 91 -5.89 34.72 7.28
CA VAL A 91 -7.23 34.59 6.66
C VAL A 91 -7.55 35.88 5.92
N ALA A 92 -7.50 35.84 4.58
CA ALA A 92 -7.78 37.00 3.69
C ALA A 92 -9.26 37.31 3.69
N LEU A 93 -10.14 36.32 3.76
CA LEU A 93 -11.60 36.60 3.67
C LEU A 93 -12.38 35.37 4.09
N ALA A 94 -13.63 35.59 4.45
CA ALA A 94 -14.63 34.52 4.69
C ALA A 94 -15.85 34.85 3.85
N VAL A 95 -16.46 33.80 3.28
CA VAL A 95 -17.79 33.89 2.62
C VAL A 95 -18.75 33.00 3.43
N VAL A 96 -19.96 33.50 3.68
CA VAL A 96 -20.96 32.80 4.52
C VAL A 96 -22.19 32.59 3.65
N THR A 97 -22.84 31.43 3.77
CA THR A 97 -23.68 30.88 2.68
C THR A 97 -25.18 31.15 2.92
N HIS A 98 -25.59 31.58 4.12
CA HIS A 98 -26.90 32.24 4.36
C HIS A 98 -27.00 32.75 5.81
N ALA A 99 -28.04 33.52 6.08
CA ALA A 99 -28.25 34.23 7.36
C ALA A 99 -29.00 33.34 8.35
N HIS A 100 -28.37 32.22 8.74
CA HIS A 100 -28.75 31.40 9.91
C HIS A 100 -27.52 31.21 10.81
N GLN A 101 -27.78 30.86 12.08
CA GLN A 101 -26.80 30.78 13.18
C GLN A 101 -25.62 29.84 12.83
N ASP A 102 -25.88 28.69 12.20
CA ASP A 102 -24.85 27.68 11.88
C ASP A 102 -23.82 28.25 10.89
N LYS A 103 -24.20 29.22 10.06
CA LYS A 103 -23.35 29.77 8.97
C LYS A 103 -22.80 31.15 9.32
N MET A 104 -23.49 31.90 10.16
CA MET A 104 -23.17 33.33 10.42
C MET A 104 -23.15 33.63 11.92
N GLY A 105 -23.26 32.62 12.81
CA GLY A 105 -23.19 32.84 14.26
C GLY A 105 -21.89 33.48 14.74
N GLY A 106 -20.80 33.34 13.97
CA GLY A 106 -19.43 33.72 14.42
C GLY A 106 -18.87 34.95 13.72
N MET A 107 -19.73 35.75 13.10
CA MET A 107 -19.27 36.93 12.31
C MET A 107 -18.44 37.88 13.19
N ASP A 108 -18.86 38.14 14.43
CA ASP A 108 -18.12 39.07 15.34
C ASP A 108 -16.68 38.59 15.56
N ALA A 109 -16.46 37.27 15.71
CA ALA A 109 -15.09 36.70 15.87
C ALA A 109 -14.26 36.95 14.61
N LEU A 110 -14.84 36.78 13.41
CA LEU A 110 -14.10 37.09 12.15
C LEU A 110 -13.74 38.58 12.12
N HIS A 111 -14.70 39.45 12.43
CA HIS A 111 -14.54 40.93 12.37
C HIS A 111 -13.47 41.37 13.39
N ALA A 112 -13.48 40.81 14.59
CA ALA A 112 -12.51 41.12 15.67
C ALA A 112 -11.10 40.74 15.22
N ALA A 113 -10.94 39.78 14.31
CA ALA A 113 -9.66 39.31 13.77
C ALA A 113 -9.27 40.11 12.52
N GLY A 114 -10.08 41.10 12.11
CA GLY A 114 -9.78 41.95 10.94
C GLY A 114 -9.96 41.21 9.63
N ILE A 115 -10.84 40.19 9.60
CA ILE A 115 -11.09 39.38 8.36
C ILE A 115 -12.24 40.04 7.57
N ALA A 116 -12.01 40.30 6.28
CA ALA A 116 -13.03 40.77 5.32
C ALA A 116 -14.09 39.67 5.14
N THR A 117 -15.37 39.99 5.34
CA THR A 117 -16.49 39.02 5.22
C THR A 117 -17.40 39.39 4.04
N TYR A 118 -17.86 38.35 3.35
CA TYR A 118 -18.72 38.44 2.15
C TYR A 118 -19.95 37.56 2.39
N ALA A 119 -21.11 38.06 2.00
CA ALA A 119 -22.37 37.29 1.95
C ALA A 119 -23.18 37.81 0.77
N ASN A 120 -24.09 36.98 0.27
CA ASN A 120 -25.20 37.41 -0.62
C ASN A 120 -25.75 38.72 -0.04
N ALA A 121 -25.92 39.74 -0.86
CA ALA A 121 -26.63 41.00 -0.49
C ALA A 121 -27.93 40.66 0.26
N LEU A 122 -28.68 39.66 -0.18
CA LEU A 122 -29.97 39.28 0.48
C LEU A 122 -29.70 38.73 1.89
N SER A 123 -28.59 37.99 2.10
CA SER A 123 -28.18 37.49 3.43
C SER A 123 -27.95 38.70 4.34
N ASN A 124 -27.24 39.70 3.83
CA ASN A 124 -26.89 40.92 4.60
C ASN A 124 -28.19 41.68 4.93
N GLN A 125 -29.13 41.74 4.00
CA GLN A 125 -30.45 42.42 4.20
C GLN A 125 -31.28 41.65 5.22
N LEU A 126 -31.26 40.31 5.18
CA LEU A 126 -32.08 39.48 6.11
C LEU A 126 -31.44 39.41 7.50
N ALA A 127 -30.13 39.65 7.61
CA ALA A 127 -29.32 39.33 8.79
C ALA A 127 -29.95 39.93 10.05
N PRO A 128 -30.29 41.24 10.10
CA PRO A 128 -30.86 41.82 11.31
C PRO A 128 -32.15 41.09 11.74
N GLN A 129 -33.04 40.77 10.80
CA GLN A 129 -34.30 40.04 11.10
C GLN A 129 -33.99 38.63 11.61
N GLU A 130 -32.88 38.03 11.19
CA GLU A 130 -32.52 36.64 11.56
C GLU A 130 -31.68 36.65 12.85
N GLY A 131 -31.40 37.84 13.41
CA GLY A 131 -30.55 37.96 14.61
C GLY A 131 -29.06 37.76 14.30
N MET A 132 -28.67 37.90 13.04
CA MET A 132 -27.27 37.69 12.60
C MET A 132 -26.63 39.06 12.38
N VAL A 133 -25.32 39.09 12.57
CA VAL A 133 -24.44 40.21 12.16
C VAL A 133 -24.15 40.09 10.67
N ALA A 134 -24.39 41.16 9.92
CA ALA A 134 -24.20 41.23 8.46
C ALA A 134 -22.70 41.15 8.15
N ALA A 135 -22.37 40.59 6.98
CA ALA A 135 -21.00 40.60 6.45
C ALA A 135 -20.66 42.05 6.07
N GLN A 136 -19.36 42.37 5.96
CA GLN A 136 -18.89 43.73 5.57
C GLN A 136 -19.22 44.00 4.12
N HIS A 137 -19.21 42.98 3.27
CA HIS A 137 -19.35 43.09 1.80
C HIS A 137 -20.54 42.26 1.30
N SER A 138 -21.24 42.77 0.29
CA SER A 138 -22.39 42.10 -0.36
C SER A 138 -21.97 41.53 -1.72
N LEU A 139 -22.25 40.24 -1.93
CA LEU A 139 -22.14 39.57 -3.24
C LEU A 139 -23.44 39.80 -4.02
N THR A 140 -23.34 40.04 -5.32
CA THR A 140 -24.49 40.04 -6.25
C THR A 140 -24.24 38.99 -7.34
N PHE A 141 -25.31 38.62 -8.04
CA PHE A 141 -25.37 37.44 -8.95
C PHE A 141 -25.99 37.86 -10.28
N ALA A 142 -25.48 37.29 -11.36
CA ALA A 142 -26.09 37.35 -12.71
C ALA A 142 -27.38 36.53 -12.68
N ALA A 143 -28.21 36.71 -13.71
CA ALA A 143 -29.45 35.94 -13.95
C ALA A 143 -29.16 34.44 -14.02
N ASN A 144 -27.94 34.03 -14.39
CA ASN A 144 -27.56 32.59 -14.51
C ASN A 144 -27.08 32.03 -13.15
N GLY A 145 -27.00 32.85 -12.09
CA GLY A 145 -26.60 32.36 -10.75
C GLY A 145 -25.13 32.59 -10.39
N TRP A 146 -24.28 32.85 -11.37
CA TRP A 146 -22.82 33.09 -11.12
C TRP A 146 -22.61 34.46 -10.45
N VAL A 147 -21.74 34.49 -9.43
CA VAL A 147 -21.41 35.75 -8.69
C VAL A 147 -20.83 36.76 -9.71
N GLU A 148 -21.20 38.03 -9.56
CA GLU A 148 -20.61 39.17 -10.30
C GLU A 148 -19.18 39.33 -9.80
N PRO A 149 -18.16 39.09 -10.66
CA PRO A 149 -16.77 39.03 -10.20
C PRO A 149 -16.28 40.24 -9.41
N ALA A 150 -16.78 41.43 -9.73
CA ALA A 150 -16.38 42.70 -9.08
C ALA A 150 -16.84 42.72 -7.62
N THR A 151 -17.88 41.96 -7.26
CA THR A 151 -18.38 41.90 -5.85
C THR A 151 -17.58 40.85 -5.07
N ALA A 152 -16.83 39.97 -5.75
CA ALA A 152 -16.01 38.90 -5.14
C ALA A 152 -14.56 39.02 -5.58
N PRO A 153 -13.87 40.14 -5.27
CA PRO A 153 -12.49 40.34 -5.72
C PRO A 153 -11.54 39.39 -4.99
N ASN A 154 -10.60 38.81 -5.75
CA ASN A 154 -9.48 37.97 -5.25
C ASN A 154 -10.04 36.75 -4.51
N PHE A 155 -11.07 36.09 -5.03
CA PHE A 155 -11.67 34.90 -4.38
C PHE A 155 -10.87 33.64 -4.73
N GLY A 156 -9.85 33.79 -5.58
CA GLY A 156 -8.90 32.72 -5.93
C GLY A 156 -9.66 31.50 -6.43
N PRO A 157 -9.54 30.32 -5.81
CA PRO A 157 -10.23 29.13 -6.32
C PRO A 157 -11.72 29.07 -5.91
N LEU A 158 -12.21 29.98 -5.06
CA LEU A 158 -13.62 29.97 -4.63
C LEU A 158 -14.52 30.42 -5.79
N LYS A 159 -15.39 29.54 -6.28
CA LYS A 159 -16.35 29.84 -7.37
C LYS A 159 -17.75 29.89 -6.73
N VAL A 160 -18.28 31.11 -6.56
CA VAL A 160 -19.54 31.32 -5.81
C VAL A 160 -20.72 31.33 -6.78
N PHE A 161 -21.72 30.54 -6.47
CA PHE A 161 -22.91 30.32 -7.30
C PHE A 161 -24.16 30.41 -6.44
N TYR A 162 -25.11 31.24 -6.88
CA TYR A 162 -26.46 31.33 -6.28
C TYR A 162 -27.38 30.42 -7.09
N PRO A 163 -27.81 29.27 -6.55
CA PRO A 163 -28.54 28.27 -7.34
C PRO A 163 -30.03 28.62 -7.47
N GLY A 164 -30.50 29.60 -6.70
CA GLY A 164 -31.93 29.93 -6.56
C GLY A 164 -32.44 29.52 -5.19
N PRO A 165 -33.67 29.91 -4.83
CA PRO A 165 -34.21 29.67 -3.50
C PRO A 165 -34.42 28.17 -3.24
N GLY A 166 -34.19 27.74 -2.01
CA GLY A 166 -34.43 26.36 -1.61
C GLY A 166 -34.53 26.26 -0.11
N HIS A 167 -33.41 25.96 0.54
CA HIS A 167 -33.31 25.95 2.02
C HIS A 167 -33.77 27.31 2.56
N THR A 168 -33.28 28.38 1.95
CA THR A 168 -33.71 29.78 2.15
C THR A 168 -33.71 30.48 0.79
N SER A 169 -34.18 31.73 0.73
CA SER A 169 -34.15 32.53 -0.53
C SER A 169 -32.71 32.99 -0.80
N ASP A 170 -31.86 33.07 0.22
CA ASP A 170 -30.51 33.68 0.14
C ASP A 170 -29.37 32.63 0.03
N ASN A 171 -29.67 31.33 0.14
CA ASN A 171 -28.63 30.27 0.17
C ASN A 171 -27.72 30.37 -1.07
N ILE A 172 -26.40 30.37 -0.84
CA ILE A 172 -25.37 30.32 -1.91
C ILE A 172 -24.53 29.07 -1.71
N THR A 173 -23.78 28.75 -2.76
CA THR A 173 -22.93 27.56 -2.86
C THR A 173 -21.54 27.97 -3.36
N VAL A 174 -20.55 27.14 -3.08
CA VAL A 174 -19.14 27.44 -3.41
C VAL A 174 -18.45 26.18 -3.96
N GLY A 175 -17.92 26.26 -5.18
CA GLY A 175 -17.01 25.22 -5.71
C GLY A 175 -15.56 25.63 -5.50
N ILE A 176 -14.67 24.66 -5.28
CA ILE A 176 -13.20 24.91 -5.15
C ILE A 176 -12.57 24.46 -6.46
N ASP A 177 -12.24 25.44 -7.31
CA ASP A 177 -11.56 25.22 -8.59
C ASP A 177 -10.28 24.41 -8.35
N GLY A 178 -9.99 23.44 -9.24
CA GLY A 178 -8.81 22.57 -9.16
C GLY A 178 -8.95 21.47 -8.13
N THR A 179 -10.17 21.22 -7.62
CA THR A 179 -10.46 20.12 -6.68
C THR A 179 -11.72 19.40 -7.15
N ASP A 180 -12.05 18.30 -6.48
CA ASP A 180 -13.30 17.52 -6.73
C ASP A 180 -14.42 18.03 -5.81
N ILE A 181 -14.23 19.17 -5.14
CA ILE A 181 -15.09 19.59 -4.00
C ILE A 181 -16.04 20.69 -4.45
N ALA A 182 -17.33 20.54 -4.15
CA ALA A 182 -18.33 21.65 -4.20
C ALA A 182 -19.12 21.62 -2.89
N PHE A 183 -19.34 22.81 -2.31
CA PHE A 183 -20.05 22.98 -1.02
C PHE A 183 -21.50 23.44 -1.29
N GLY A 184 -22.48 22.60 -0.91
CA GLY A 184 -23.92 22.86 -1.06
C GLY A 184 -24.49 23.59 0.16
N GLY A 185 -23.70 23.70 1.23
CA GLY A 185 -24.19 24.27 2.49
C GLY A 185 -25.43 23.51 2.96
N CYS A 186 -26.46 24.23 3.40
CA CYS A 186 -27.70 23.62 3.98
C CYS A 186 -28.71 23.27 2.87
N LEU A 187 -28.45 23.64 1.62
CA LEU A 187 -29.35 23.35 0.48
C LEU A 187 -29.37 21.83 0.23
N ILE A 188 -28.20 21.18 0.31
CA ILE A 188 -28.02 19.75 -0.09
C ILE A 188 -28.05 18.86 1.16
N LYS A 189 -28.80 17.77 1.08
CA LYS A 189 -28.88 16.70 2.10
C LYS A 189 -28.16 15.47 1.58
N ASP A 190 -27.71 14.60 2.47
CA ASP A 190 -26.93 13.40 2.08
C ASP A 190 -27.85 12.43 1.31
N SER A 191 -27.23 11.54 0.53
CA SER A 191 -27.90 10.60 -0.41
C SER A 191 -28.81 9.60 0.35
N LYS A 192 -28.68 9.50 1.68
CA LYS A 192 -29.46 8.55 2.51
C LYS A 192 -30.52 9.28 3.34
N ALA A 193 -30.67 10.60 3.21
CA ALA A 193 -31.60 11.38 4.04
C ALA A 193 -33.04 10.81 3.86
N LYS A 194 -33.79 10.73 4.95
CA LYS A 194 -35.22 10.28 4.96
C LYS A 194 -36.15 11.42 4.50
N SER A 195 -35.74 12.67 4.64
CA SER A 195 -36.54 13.88 4.29
C SER A 195 -35.60 15.07 4.07
N LEU A 196 -36.15 16.21 3.67
CA LEU A 196 -35.43 17.51 3.54
C LEU A 196 -35.38 18.20 4.90
N GLY A 197 -35.85 17.54 5.95
CA GLY A 197 -36.02 18.13 7.29
C GLY A 197 -37.16 19.13 7.29
N ASN A 198 -37.03 20.18 8.12
CA ASN A 198 -38.03 21.24 8.32
C ASN A 198 -38.21 22.07 7.04
N LEU A 199 -39.44 22.05 6.50
CA LEU A 199 -39.83 22.79 5.27
C LEU A 199 -40.60 24.07 5.62
N GLY A 200 -40.82 24.34 6.92
CA GLY A 200 -41.44 25.57 7.45
C GLY A 200 -40.99 26.85 6.73
N ASP A 201 -39.70 27.16 6.62
CA ASP A 201 -39.29 28.44 5.96
C ASP A 201 -38.53 28.15 4.66
N ALA A 202 -38.82 27.01 4.06
CA ALA A 202 -38.19 26.60 2.76
C ALA A 202 -38.92 27.24 1.56
N ASP A 203 -38.31 27.30 0.37
CA ASP A 203 -39.03 27.56 -0.90
C ASP A 203 -39.26 26.19 -1.55
N THR A 204 -40.37 25.54 -1.25
CA THR A 204 -40.66 24.16 -1.67
C THR A 204 -40.90 24.15 -3.19
N GLU A 205 -41.36 25.25 -3.77
CA GLU A 205 -41.67 25.31 -5.22
C GLU A 205 -40.37 25.21 -6.02
N HIS A 206 -39.33 25.94 -5.61
CA HIS A 206 -38.12 26.15 -6.42
C HIS A 206 -36.97 25.27 -5.95
N TYR A 207 -37.14 24.55 -4.83
CA TYR A 207 -36.06 23.78 -4.17
C TYR A 207 -35.40 22.81 -5.18
N ALA A 208 -36.22 22.00 -5.86
CA ALA A 208 -35.68 20.94 -6.77
C ALA A 208 -34.78 21.59 -7.83
N ALA A 209 -35.26 22.63 -8.50
CA ALA A 209 -34.52 23.30 -9.60
C ALA A 209 -33.22 23.92 -9.05
N SER A 210 -33.24 24.44 -7.82
CA SER A 210 -32.05 25.07 -7.18
C SER A 210 -31.00 23.98 -6.91
N ALA A 211 -31.40 22.84 -6.38
CA ALA A 211 -30.54 21.67 -6.15
C ALA A 211 -29.91 21.24 -7.48
N ARG A 212 -30.71 21.14 -8.54
CA ARG A 212 -30.24 20.71 -9.88
C ARG A 212 -29.31 21.77 -10.45
N ALA A 213 -29.57 23.07 -10.21
CA ALA A 213 -28.71 24.16 -10.74
C ALA A 213 -27.30 24.05 -10.11
N PHE A 214 -27.23 23.74 -8.83
CA PHE A 214 -25.97 23.58 -8.06
C PHE A 214 -25.14 22.46 -8.71
N GLY A 215 -25.79 21.33 -8.96
CA GLY A 215 -25.24 20.19 -9.74
C GLY A 215 -24.69 20.63 -11.08
N ALA A 216 -25.47 21.37 -11.87
CA ALA A 216 -25.07 21.81 -13.24
C ALA A 216 -23.93 22.83 -13.17
N ALA A 217 -23.85 23.64 -12.10
CA ALA A 217 -22.85 24.70 -11.96
C ALA A 217 -21.47 24.08 -11.75
N PHE A 218 -21.39 22.94 -11.05
CA PHE A 218 -20.13 22.26 -10.65
C PHE A 218 -20.12 20.82 -11.15
N PRO A 219 -20.09 20.62 -12.49
CA PRO A 219 -20.23 19.28 -13.05
C PRO A 219 -19.06 18.33 -12.70
N LYS A 220 -17.89 18.85 -12.32
CA LYS A 220 -16.68 18.04 -12.04
C LYS A 220 -16.57 17.73 -10.55
N ALA A 221 -17.46 18.25 -9.72
CA ALA A 221 -17.44 17.99 -8.27
C ALA A 221 -17.96 16.56 -8.05
N SER A 222 -17.13 15.68 -7.52
CA SER A 222 -17.49 14.29 -7.17
C SER A 222 -17.61 14.17 -5.66
N MET A 223 -17.08 15.15 -4.91
CA MET A 223 -17.22 15.21 -3.43
C MET A 223 -18.10 16.43 -3.10
N ILE A 224 -19.28 16.16 -2.56
CA ILE A 224 -20.28 17.18 -2.20
C ILE A 224 -20.24 17.33 -0.68
N VAL A 225 -19.76 18.49 -0.24
CA VAL A 225 -19.68 18.86 1.19
C VAL A 225 -20.97 19.60 1.54
N MET A 226 -21.54 19.33 2.70
CA MET A 226 -22.83 19.96 3.09
C MET A 226 -22.80 20.23 4.58
N SER A 227 -23.73 21.04 5.09
CA SER A 227 -23.67 21.62 6.46
C SER A 227 -23.84 20.54 7.53
N HIS A 228 -24.69 19.52 7.33
CA HIS A 228 -25.19 18.67 8.45
C HIS A 228 -24.98 17.18 8.17
N SER A 229 -24.21 16.82 7.16
CA SER A 229 -23.79 15.42 6.89
C SER A 229 -22.32 15.39 6.48
N ALA A 230 -21.72 14.20 6.53
CA ALA A 230 -20.37 13.92 6.02
C ALA A 230 -20.36 14.14 4.52
N PRO A 231 -19.18 14.46 3.95
CA PRO A 231 -19.04 14.60 2.51
C PRO A 231 -19.60 13.37 1.78
N ASP A 232 -20.25 13.59 0.64
CA ASP A 232 -21.04 12.55 -0.05
C ASP A 232 -20.70 12.61 -1.53
N SER A 233 -21.28 11.69 -2.29
CA SER A 233 -21.20 11.67 -3.77
C SER A 233 -22.26 12.63 -4.33
N ARG A 234 -22.27 12.79 -5.65
CA ARG A 234 -23.28 13.55 -6.42
C ARG A 234 -24.68 12.94 -6.21
N ALA A 235 -24.79 11.72 -5.69
CA ALA A 235 -26.10 11.12 -5.30
C ALA A 235 -26.81 12.02 -4.28
N ALA A 236 -26.07 12.77 -3.45
CA ALA A 236 -26.66 13.75 -2.49
C ALA A 236 -27.50 14.80 -3.25
N ILE A 237 -27.01 15.26 -4.40
CA ILE A 237 -27.69 16.28 -5.24
C ILE A 237 -28.97 15.68 -5.84
N THR A 238 -28.85 14.54 -6.53
CA THR A 238 -29.99 13.86 -7.17
C THR A 238 -31.03 13.52 -6.10
N HIS A 239 -30.64 12.99 -4.95
CA HIS A 239 -31.59 12.60 -3.86
C HIS A 239 -32.29 13.86 -3.34
N THR A 240 -31.55 14.96 -3.14
CA THR A 240 -32.13 16.23 -2.63
C THR A 240 -33.17 16.71 -3.63
N ALA A 241 -32.83 16.73 -4.92
CA ALA A 241 -33.71 17.20 -6.00
C ALA A 241 -34.95 16.31 -6.08
N ARG A 242 -34.81 14.99 -5.95
CA ARG A 242 -35.94 14.03 -6.12
C ARG A 242 -36.87 14.15 -4.90
N MET A 243 -36.33 14.34 -3.69
CA MET A 243 -37.17 14.61 -2.50
C MET A 243 -37.94 15.91 -2.73
N ALA A 244 -37.28 16.94 -3.28
CA ALA A 244 -37.88 18.27 -3.52
C ALA A 244 -38.94 18.19 -4.64
N ASP A 245 -38.76 17.29 -5.63
CA ASP A 245 -39.75 17.08 -6.70
C ASP A 245 -41.11 16.69 -6.11
N LYS A 246 -41.15 16.01 -4.95
CA LYS A 246 -42.41 15.49 -4.33
C LYS A 246 -43.11 16.60 -3.54
N LEU A 247 -42.54 17.80 -3.47
CA LEU A 247 -43.15 18.97 -2.76
C LEU A 247 -44.03 19.75 -3.74
N ARG A 248 -43.71 19.69 -5.02
CA ARG A 248 -44.52 20.26 -6.12
C ARG A 248 -45.54 19.18 -6.51
N LEU B 3 -31.85 27.46 15.18
CA LEU B 3 -30.61 26.71 15.32
C LEU B 3 -30.46 25.74 14.15
N PRO B 5 -31.05 23.32 11.48
CA PRO B 5 -32.12 22.37 11.17
C PRO B 5 -33.12 22.17 12.31
N VAL B 6 -32.80 22.66 13.51
CA VAL B 6 -33.77 22.73 14.65
C VAL B 6 -34.47 24.08 14.61
N PRO B 7 -35.80 24.12 14.41
CA PRO B 7 -36.49 25.40 14.21
C PRO B 7 -36.49 26.30 15.47
N GLU B 8 -36.48 25.72 16.68
CA GLU B 8 -36.43 26.47 17.97
C GLU B 8 -35.17 27.34 18.01
N GLY C 20 -13.99 8.91 -30.80
CA GLY C 20 -13.66 8.82 -29.35
C GLY C 20 -12.36 9.54 -28.98
N ASP C 21 -11.42 9.68 -29.93
CA ASP C 21 -10.09 10.28 -29.65
C ASP C 21 -10.20 11.81 -29.62
N GLN C 22 -9.45 12.44 -28.73
CA GLN C 22 -9.29 13.91 -28.61
C GLN C 22 -7.81 14.22 -28.90
N ARG C 23 -7.56 15.13 -29.83
CA ARG C 23 -6.19 15.58 -30.18
C ARG C 23 -5.93 16.90 -29.43
N PHE C 24 -4.73 17.06 -28.91
CA PHE C 24 -4.29 18.25 -28.15
C PHE C 24 -2.82 18.48 -28.49
N GLY C 25 -2.55 19.49 -29.31
CA GLY C 25 -1.25 19.64 -30.01
C GLY C 25 -0.90 18.36 -30.75
N ASP C 26 0.26 17.76 -30.48
CA ASP C 26 0.71 16.51 -31.16
C ASP C 26 0.33 15.27 -30.35
N LEU C 27 -0.48 15.41 -29.31
CA LEU C 27 -0.88 14.29 -28.43
C LEU C 27 -2.33 13.87 -28.68
N VAL C 28 -2.61 12.61 -28.44
CA VAL C 28 -3.96 11.99 -28.55
C VAL C 28 -4.34 11.38 -27.20
N PHE C 29 -5.55 11.67 -26.75
CA PHE C 29 -6.17 11.12 -25.53
C PHE C 29 -7.43 10.36 -25.93
N ARG C 30 -7.61 9.18 -25.35
CA ARG C 30 -8.76 8.28 -25.61
C ARG C 30 -9.28 7.84 -24.24
N GLN C 31 -10.53 8.16 -23.94
CA GLN C 31 -11.15 7.74 -22.67
C GLN C 31 -11.44 6.24 -22.77
N LEU C 32 -11.00 5.47 -21.79
CA LEU C 32 -11.12 3.99 -21.75
C LEU C 32 -12.18 3.60 -20.74
N ALA C 33 -12.41 4.46 -19.74
CA ALA C 33 -13.36 4.24 -18.64
C ALA C 33 -13.76 5.62 -18.11
N PRO C 34 -14.80 5.71 -17.25
CA PRO C 34 -15.21 7.00 -16.70
C PRO C 34 -14.05 7.85 -16.14
N ASN C 35 -13.04 7.21 -15.54
CA ASN C 35 -11.90 7.88 -14.86
C ASN C 35 -10.54 7.46 -15.44
N VAL C 36 -10.49 6.92 -16.65
CA VAL C 36 -9.22 6.40 -17.25
C VAL C 36 -9.11 6.84 -18.69
N TRP C 37 -7.98 7.44 -19.05
CA TRP C 37 -7.61 7.81 -20.45
C TRP C 37 -6.28 7.14 -20.80
N GLN C 38 -6.12 6.80 -22.06
CA GLN C 38 -4.82 6.48 -22.68
C GLN C 38 -4.27 7.77 -23.28
N HIS C 39 -3.03 8.12 -22.94
CA HIS C 39 -2.25 9.18 -23.64
C HIS C 39 -1.36 8.54 -24.70
N THR C 40 -1.25 9.16 -25.86
CA THR C 40 -0.43 8.70 -26.98
C THR C 40 0.42 9.88 -27.43
N SER C 41 1.72 9.65 -27.53
CA SER C 41 2.69 10.60 -28.12
C SER C 41 3.41 9.87 -29.25
N TYR C 42 4.02 10.64 -30.16
CA TYR C 42 4.62 10.11 -31.41
C TYR C 42 6.03 10.66 -31.54
N LEU C 43 6.93 9.79 -31.98
CA LEU C 43 8.26 10.16 -32.50
C LEU C 43 8.30 9.80 -33.99
N ASP C 44 8.43 10.82 -34.85
CA ASP C 44 8.42 10.66 -36.33
C ASP C 44 9.85 10.36 -36.75
N MET C 45 10.11 9.17 -37.27
CA MET C 45 11.44 8.76 -37.81
C MET C 45 11.32 8.73 -39.33
N PRO C 46 12.13 9.51 -40.09
CA PRO C 46 12.19 9.35 -41.55
C PRO C 46 12.46 7.89 -41.92
N GLY C 47 11.59 7.28 -42.74
CA GLY C 47 11.75 5.91 -43.26
C GLY C 47 11.19 4.84 -42.33
N PHE C 48 10.69 5.20 -41.14
CA PHE C 48 9.81 4.34 -40.30
C PHE C 48 8.38 4.89 -40.23
N GLY C 49 8.22 6.23 -40.26
CA GLY C 49 6.95 6.93 -39.95
C GLY C 49 6.88 7.31 -38.48
N ALA C 50 5.72 7.81 -38.03
CA ALA C 50 5.40 8.13 -36.62
C ALA C 50 5.31 6.83 -35.81
N VAL C 51 5.97 6.78 -34.65
CA VAL C 51 5.87 5.63 -33.70
C VAL C 51 5.11 6.12 -32.45
N ALA C 52 3.98 5.48 -32.20
CA ALA C 52 3.10 5.77 -31.06
C ALA C 52 3.74 5.16 -29.80
N SER C 53 3.62 5.87 -28.68
CA SER C 53 3.78 5.26 -27.34
C SER C 53 2.59 5.67 -26.46
N ASN C 54 2.00 4.69 -25.79
CA ASN C 54 0.78 4.84 -24.96
C ASN C 54 1.14 4.80 -23.48
N GLY C 55 0.53 5.68 -22.68
CA GLY C 55 0.47 5.54 -21.22
C GLY C 55 -0.95 5.72 -20.73
N LEU C 56 -1.13 5.90 -19.43
CA LEU C 56 -2.46 6.07 -18.78
C LEU C 56 -2.49 7.32 -17.90
N ILE C 57 -3.69 7.90 -17.85
CA ILE C 57 -4.09 8.97 -16.90
C ILE C 57 -5.30 8.43 -16.15
N VAL C 58 -5.25 8.47 -14.82
CA VAL C 58 -6.31 7.95 -13.94
C VAL C 58 -6.77 9.08 -13.02
N ARG C 59 -8.05 9.43 -13.06
CA ARG C 59 -8.72 10.31 -12.07
C ARG C 59 -9.13 9.44 -10.88
N ASP C 60 -8.61 9.74 -9.71
CA ASP C 60 -8.87 9.03 -8.45
C ASP C 60 -9.36 10.04 -7.41
N GLY C 61 -10.68 10.25 -7.33
CA GLY C 61 -11.29 11.31 -6.50
C GLY C 61 -10.77 12.69 -6.92
N GLY C 62 -10.02 13.34 -6.04
CA GLY C 62 -9.55 14.73 -6.24
C GLY C 62 -8.11 14.81 -6.72
N ARG C 63 -7.57 13.72 -7.24
CA ARG C 63 -6.19 13.74 -7.82
C ARG C 63 -6.12 12.91 -9.11
N VAL C 64 -5.07 13.14 -9.86
CA VAL C 64 -4.75 12.38 -11.10
C VAL C 64 -3.44 11.61 -10.85
N LEU C 65 -3.41 10.37 -11.34
CA LEU C 65 -2.23 9.47 -11.31
C LEU C 65 -1.85 9.23 -12.77
N VAL C 66 -0.57 9.35 -13.11
CA VAL C 66 -0.08 9.12 -14.51
C VAL C 66 0.75 7.84 -14.55
N VAL C 67 0.59 7.07 -15.61
CA VAL C 67 1.45 5.90 -15.92
C VAL C 67 2.20 6.25 -17.19
N ASP C 68 3.53 6.37 -17.06
CA ASP C 68 4.49 6.61 -18.16
C ASP C 68 4.46 8.07 -18.62
N THR C 69 5.62 8.57 -19.00
CA THR C 69 5.75 9.87 -19.68
C THR C 69 5.46 9.65 -21.17
N ALA C 70 5.50 10.74 -21.93
CA ALA C 70 5.65 10.73 -23.39
C ALA C 70 7.15 10.57 -23.74
N TRP C 71 7.44 10.46 -25.04
CA TRP C 71 8.82 10.34 -25.56
C TRP C 71 9.71 11.49 -25.03
N THR C 72 9.17 12.70 -24.88
CA THR C 72 9.97 13.92 -24.59
C THR C 72 9.36 14.74 -23.45
N ASP C 73 10.16 15.64 -22.89
CA ASP C 73 9.77 16.64 -21.87
C ASP C 73 8.66 17.52 -22.45
N ASP C 74 8.82 18.03 -23.68
CA ASP C 74 7.84 18.94 -24.34
CA ASP C 74 7.85 18.93 -24.35
C ASP C 74 6.50 18.22 -24.47
N GLN C 75 6.51 16.98 -24.96
CA GLN C 75 5.27 16.17 -25.10
C GLN C 75 4.65 15.94 -23.72
N THR C 76 5.48 15.65 -22.70
CA THR C 76 5.00 15.34 -21.32
C THR C 76 4.36 16.61 -20.73
N ALA C 77 4.97 17.78 -20.94
CA ALA C 77 4.38 19.09 -20.55
C ALA C 77 2.98 19.23 -21.18
N GLN C 78 2.81 18.84 -22.45
CA GLN C 78 1.51 18.97 -23.14
C GLN C 78 0.50 18.02 -22.47
N ILE C 79 0.94 16.84 -22.00
CA ILE C 79 0.03 15.93 -21.24
C ILE C 79 -0.48 16.69 -20.02
N LEU C 80 0.40 17.36 -19.29
CA LEU C 80 0.03 18.07 -18.04
C LEU C 80 -0.95 19.22 -18.37
N ASN C 81 -0.77 19.87 -19.52
CA ASN C 81 -1.67 20.96 -19.98
C ASN C 81 -3.07 20.39 -20.28
N TRP C 82 -3.12 19.27 -21.01
CA TRP C 82 -4.41 18.57 -21.29
C TRP C 82 -5.09 18.19 -19.97
N ILE C 83 -4.35 17.65 -19.01
CA ILE C 83 -4.93 17.23 -17.71
C ILE C 83 -5.53 18.46 -17.03
N LYS C 84 -4.79 19.56 -17.01
CA LYS C 84 -5.24 20.82 -16.35
C LYS C 84 -6.54 21.29 -17.02
N GLN C 85 -6.61 21.22 -18.35
CA GLN C 85 -7.75 21.71 -19.16
C GLN C 85 -8.95 20.74 -19.01
N GLU C 86 -8.75 19.43 -19.18
CA GLU C 86 -9.89 18.49 -19.28
C GLU C 86 -10.31 18.00 -17.90
N ILE C 87 -9.37 17.80 -16.97
CA ILE C 87 -9.68 17.17 -15.65
C ILE C 87 -9.57 18.20 -14.53
N ASN C 88 -8.60 19.12 -14.61
CA ASN C 88 -8.39 20.22 -13.64
C ASN C 88 -8.38 19.65 -12.21
N LEU C 89 -7.49 18.68 -11.97
CA LEU C 89 -7.13 18.16 -10.63
C LEU C 89 -5.61 18.04 -10.62
N PRO C 90 -4.94 18.10 -9.44
CA PRO C 90 -3.49 17.99 -9.39
C PRO C 90 -3.06 16.53 -9.69
N VAL C 91 -1.93 16.41 -10.38
CA VAL C 91 -1.24 15.11 -10.55
C VAL C 91 -0.48 14.80 -9.26
N ALA C 92 -0.98 13.85 -8.48
CA ALA C 92 -0.38 13.42 -7.18
C ALA C 92 0.92 12.66 -7.43
N LEU C 93 0.99 11.84 -8.47
CA LEU C 93 2.17 10.99 -8.69
C LEU C 93 2.13 10.41 -10.10
N ALA C 94 3.29 10.01 -10.58
CA ALA C 94 3.46 9.25 -11.84
C ALA C 94 4.28 8.01 -11.52
N VAL C 95 3.90 6.90 -12.13
CA VAL C 95 4.69 5.64 -12.11
CA VAL C 95 4.69 5.64 -12.11
C VAL C 95 5.11 5.36 -13.56
N VAL C 96 6.38 4.99 -13.76
CA VAL C 96 6.97 4.76 -15.10
C VAL C 96 7.44 3.31 -15.14
N THR C 97 7.27 2.64 -16.29
CA THR C 97 7.18 1.16 -16.29
C THR C 97 8.51 0.52 -16.73
N HIS C 98 9.48 1.28 -17.25
CA HIS C 98 10.90 0.90 -17.34
C HIS C 98 11.75 2.05 -17.91
N ALA C 99 13.07 1.88 -17.84
CA ALA C 99 14.07 2.91 -18.19
C ALA C 99 14.38 2.83 -19.69
N HIS C 100 13.40 3.18 -20.52
CA HIS C 100 13.58 3.52 -21.95
C HIS C 100 12.88 4.85 -22.21
N GLN C 101 13.26 5.49 -23.31
CA GLN C 101 12.86 6.85 -23.74
C GLN C 101 11.32 6.99 -23.80
N ASP C 102 10.61 5.99 -24.35
CA ASP C 102 9.13 6.08 -24.55
C ASP C 102 8.41 6.18 -23.19
N LYS C 103 9.01 5.66 -22.11
CA LYS C 103 8.34 5.56 -20.78
C LYS C 103 8.88 6.60 -19.81
N MET C 104 10.13 7.03 -19.99
CA MET C 104 10.83 7.88 -19.00
C MET C 104 11.48 9.09 -19.68
N GLY C 105 11.24 9.34 -20.98
CA GLY C 105 11.81 10.50 -21.69
C GLY C 105 11.40 11.83 -21.08
N GLY C 106 10.28 11.89 -20.35
CA GLY C 106 9.68 13.16 -19.88
C GLY C 106 9.78 13.36 -18.39
N MET C 107 10.70 12.67 -17.70
CA MET C 107 10.81 12.74 -16.22
C MET C 107 11.07 14.20 -15.79
N ASP C 108 11.94 14.93 -16.50
CA ASP C 108 12.27 16.35 -16.15
C ASP C 108 11.00 17.21 -16.13
N ALA C 109 10.09 17.03 -17.09
CA ALA C 109 8.82 17.77 -17.16
C ALA C 109 7.94 17.44 -15.94
N LEU C 110 7.86 16.17 -15.55
CA LEU C 110 7.11 15.80 -14.32
C LEU C 110 7.73 16.49 -13.09
N HIS C 111 9.06 16.44 -12.97
CA HIS C 111 9.78 16.98 -11.79
C HIS C 111 9.63 18.50 -11.74
N ALA C 112 9.70 19.18 -12.90
CA ALA C 112 9.53 20.66 -13.01
C ALA C 112 8.13 21.05 -12.54
N ALA C 113 7.14 20.15 -12.64
CA ALA C 113 5.74 20.40 -12.23
C ALA C 113 5.52 20.00 -10.77
N GLY C 114 6.56 19.53 -10.08
CA GLY C 114 6.47 19.15 -8.66
C GLY C 114 5.70 17.85 -8.47
N ILE C 115 5.72 16.96 -9.47
CA ILE C 115 5.01 15.65 -9.39
C ILE C 115 5.97 14.60 -8.81
N ALA C 116 5.54 13.90 -7.75
CA ALA C 116 6.26 12.76 -7.16
C ALA C 116 6.32 11.61 -8.19
N THR C 117 7.50 11.09 -8.49
CA THR C 117 7.69 9.99 -9.47
C THR C 117 8.16 8.72 -8.78
N TYR C 118 7.65 7.59 -9.27
CA TYR C 118 7.92 6.22 -8.78
C TYR C 118 8.37 5.38 -9.99
N ALA C 119 9.37 4.53 -9.76
CA ALA C 119 9.81 3.49 -10.71
C ALA C 119 10.33 2.32 -9.89
N ASN C 120 10.35 1.15 -10.51
CA ASN C 120 11.12 -0.02 -10.03
C ASN C 120 12.51 0.48 -9.60
N ALA C 121 12.96 0.10 -8.42
CA ALA C 121 14.35 0.34 -7.94
C ALA C 121 15.36 0.05 -9.06
N LEU C 122 15.17 -1.07 -9.78
CA LEU C 122 16.09 -1.46 -10.88
C LEU C 122 16.02 -0.45 -12.03
N SER C 123 14.84 0.11 -12.34
CA SER C 123 14.67 1.18 -13.35
C SER C 123 15.52 2.38 -12.94
N ASN C 124 15.45 2.77 -11.67
CA ASN C 124 16.17 3.94 -11.14
C ASN C 124 17.68 3.66 -11.20
N GLN C 125 18.10 2.42 -10.89
CA GLN C 125 19.53 2.01 -10.94
C GLN C 125 20.02 2.01 -12.40
N LEU C 126 19.19 1.56 -13.35
CA LEU C 126 19.63 1.43 -14.77
C LEU C 126 19.55 2.80 -15.48
N ALA C 127 18.77 3.75 -14.94
CA ALA C 127 18.37 4.99 -15.64
C ALA C 127 19.59 5.70 -16.23
N PRO C 128 20.66 5.97 -15.44
CA PRO C 128 21.81 6.70 -15.99
C PRO C 128 22.39 5.97 -17.21
N GLN C 129 22.55 4.65 -17.13
CA GLN C 129 23.10 3.83 -18.25
C GLN C 129 22.19 3.88 -19.46
N GLU C 130 20.87 4.05 -19.28
CA GLU C 130 19.90 4.07 -20.40
C GLU C 130 19.69 5.50 -20.90
N GLY C 131 20.39 6.48 -20.31
CA GLY C 131 20.24 7.89 -20.71
C GLY C 131 19.00 8.54 -20.13
N MET C 132 18.39 7.92 -19.09
CA MET C 132 17.13 8.40 -18.50
C MET C 132 17.43 9.09 -17.17
N VAL C 133 16.56 10.00 -16.78
CA VAL C 133 16.52 10.60 -15.42
C VAL C 133 15.74 9.65 -14.51
N ALA C 134 16.31 9.33 -13.35
CA ALA C 134 15.70 8.42 -12.34
C ALA C 134 14.45 9.06 -11.74
N ALA C 135 13.49 8.23 -11.34
CA ALA C 135 12.33 8.70 -10.55
C ALA C 135 12.82 9.11 -9.15
N GLN C 136 12.03 9.88 -8.42
CA GLN C 136 12.36 10.32 -7.03
CA GLN C 136 12.36 10.32 -7.03
C GLN C 136 12.29 9.14 -6.07
N HIS C 137 11.38 8.19 -6.31
CA HIS C 137 11.05 7.07 -5.39
C HIS C 137 11.23 5.72 -6.09
N SER C 138 11.71 4.72 -5.35
CA SER C 138 11.93 3.34 -5.84
C SER C 138 10.83 2.42 -5.30
N LEU C 139 10.21 1.67 -6.21
CA LEU C 139 9.29 0.56 -5.87
C LEU C 139 10.12 -0.72 -5.67
N THR C 140 9.77 -1.52 -4.67
CA THR C 140 10.31 -2.88 -4.50
C THR C 140 9.15 -3.88 -4.54
N PHE C 141 9.48 -5.16 -4.73
CA PHE C 141 8.53 -6.25 -5.08
C PHE C 141 8.81 -7.46 -4.22
N ALA C 142 7.75 -8.15 -3.81
CA ALA C 142 7.78 -9.48 -3.17
C ALA C 142 8.19 -10.49 -4.23
N ALA C 143 8.52 -11.71 -3.78
CA ALA C 143 8.93 -12.85 -4.63
C ALA C 143 7.81 -13.19 -5.63
N ASN C 144 6.55 -12.89 -5.27
CA ASN C 144 5.36 -13.21 -6.10
C ASN C 144 5.08 -12.09 -7.11
N GLY C 145 5.85 -11.00 -7.12
CA GLY C 145 5.75 -9.94 -8.14
C GLY C 145 4.96 -8.72 -7.67
N TRP C 146 4.16 -8.84 -6.62
CA TRP C 146 3.34 -7.71 -6.09
C TRP C 146 4.23 -6.66 -5.44
N VAL C 147 3.95 -5.38 -5.72
CA VAL C 147 4.69 -4.23 -5.13
C VAL C 147 4.55 -4.31 -3.60
N GLU C 148 5.63 -3.99 -2.90
CA GLU C 148 5.64 -3.81 -1.43
C GLU C 148 4.86 -2.55 -1.13
N PRO C 149 3.68 -2.66 -0.45
CA PRO C 149 2.77 -1.52 -0.28
C PRO C 149 3.41 -0.24 0.29
N ALA C 150 4.41 -0.40 1.16
CA ALA C 150 5.08 0.72 1.86
C ALA C 150 5.89 1.55 0.86
N THR C 151 6.32 0.96 -0.27
CA THR C 151 7.10 1.68 -1.32
C THR C 151 6.13 2.39 -2.28
N ALA C 152 4.84 2.05 -2.26
CA ALA C 152 3.80 2.62 -3.16
C ALA C 152 2.66 3.21 -2.33
N PRO C 153 2.93 4.21 -1.46
CA PRO C 153 1.89 4.79 -0.61
C PRO C 153 0.87 5.58 -1.44
N ASN C 154 -0.42 5.41 -1.12
CA ASN C 154 -1.55 6.19 -1.70
C ASN C 154 -1.60 5.99 -3.20
N PHE C 155 -1.44 4.75 -3.69
CA PHE C 155 -1.50 4.47 -5.15
C PHE C 155 -2.96 4.31 -5.58
N GLY C 156 -3.90 4.38 -4.64
CA GLY C 156 -5.35 4.32 -4.90
C GLY C 156 -5.68 3.07 -5.72
N PRO C 157 -6.27 3.20 -6.92
CA PRO C 157 -6.64 2.01 -7.70
C PRO C 157 -5.45 1.38 -8.46
N LEU C 158 -4.27 2.00 -8.46
CA LEU C 158 -3.09 1.47 -9.19
C LEU C 158 -2.58 0.22 -8.45
N LYS C 159 -2.64 -0.94 -9.10
CA LYS C 159 -2.12 -2.22 -8.58
C LYS C 159 -0.84 -2.54 -9.38
N VAL C 160 0.32 -2.36 -8.76
CA VAL C 160 1.61 -2.45 -9.48
C VAL C 160 2.19 -3.85 -9.28
N PHE C 161 2.54 -4.48 -10.40
CA PHE C 161 3.01 -5.87 -10.43
C PHE C 161 4.28 -5.96 -11.30
N TYR C 162 5.31 -6.56 -10.74
CA TYR C 162 6.55 -6.89 -11.48
C TYR C 162 6.42 -8.34 -11.96
N PRO C 163 6.24 -8.58 -13.26
CA PRO C 163 5.93 -9.92 -13.76
C PRO C 163 7.19 -10.80 -13.91
N GLY C 164 8.37 -10.18 -13.79
CA GLY C 164 9.65 -10.81 -14.09
C GLY C 164 10.25 -10.23 -15.37
N PRO C 165 11.51 -10.60 -15.70
CA PRO C 165 12.19 -10.01 -16.85
C PRO C 165 11.55 -10.45 -18.16
N GLY C 166 11.48 -9.55 -19.14
CA GLY C 166 10.93 -9.84 -20.47
C GLY C 166 11.43 -8.84 -21.47
N HIS C 167 10.62 -7.80 -21.72
CA HIS C 167 11.01 -6.66 -22.60
C HIS C 167 12.34 -6.08 -22.10
N THR C 168 12.43 -5.88 -20.78
CA THR C 168 13.66 -5.54 -20.04
C THR C 168 13.64 -6.30 -18.72
N SER C 169 14.71 -6.23 -17.95
CA SER C 169 14.77 -6.88 -16.60
C SER C 169 13.90 -6.07 -15.62
N ASP C 170 13.68 -4.78 -15.89
CA ASP C 170 13.04 -3.83 -14.95
C ASP C 170 11.55 -3.58 -15.28
N ASN C 171 11.02 -4.10 -16.38
CA ASN C 171 9.62 -3.82 -16.83
C ASN C 171 8.62 -4.15 -15.72
N ILE C 172 7.72 -3.21 -15.43
CA ILE C 172 6.58 -3.40 -14.49
C ILE C 172 5.28 -3.17 -15.24
N THR C 173 4.20 -3.56 -14.57
CA THR C 173 2.83 -3.51 -15.12
C THR C 173 1.90 -2.95 -14.05
N VAL C 174 0.74 -2.45 -14.49
CA VAL C 174 -0.21 -1.76 -13.59
C VAL C 174 -1.65 -2.16 -13.98
N GLY C 175 -2.40 -2.70 -13.03
CA GLY C 175 -3.85 -2.89 -13.16
C GLY C 175 -4.60 -1.74 -12.52
N ILE C 176 -5.76 -1.37 -13.06
CA ILE C 176 -6.64 -0.32 -12.46
C ILE C 176 -7.80 -1.06 -11.79
N ASP C 177 -7.72 -1.17 -10.47
CA ASP C 177 -8.78 -1.77 -9.62
C ASP C 177 -10.12 -1.07 -9.93
N GLY C 178 -11.21 -1.86 -9.99
CA GLY C 178 -12.55 -1.33 -10.29
C GLY C 178 -12.78 -1.07 -11.77
N THR C 179 -11.87 -1.52 -12.65
CA THR C 179 -12.00 -1.41 -14.13
C THR C 179 -11.69 -2.74 -14.77
N ASP C 180 -11.87 -2.83 -16.10
CA ASP C 180 -11.50 -4.01 -16.92
C ASP C 180 -10.07 -3.82 -17.49
N ILE C 181 -9.32 -2.83 -16.98
CA ILE C 181 -8.06 -2.37 -17.64
C ILE C 181 -6.86 -2.92 -16.88
N ALA C 182 -5.89 -3.50 -17.60
CA ALA C 182 -4.53 -3.76 -17.09
C ALA C 182 -3.53 -3.27 -18.14
N PHE C 183 -2.46 -2.61 -17.71
CA PHE C 183 -1.43 -2.01 -18.57
C PHE C 183 -0.18 -2.90 -18.56
N GLY C 184 0.16 -3.49 -19.71
CA GLY C 184 1.34 -4.36 -19.87
C GLY C 184 2.57 -3.57 -20.27
N GLY C 185 2.40 -2.29 -20.60
CA GLY C 185 3.48 -1.46 -21.13
C GLY C 185 4.09 -2.14 -22.35
N CYS C 186 5.42 -2.19 -22.43
CA CYS C 186 6.15 -2.70 -23.63
C CYS C 186 6.31 -4.22 -23.58
N LEU C 187 5.95 -4.85 -22.46
CA LEU C 187 6.06 -6.32 -22.27
C LEU C 187 5.11 -7.01 -23.24
N ILE C 188 3.88 -6.47 -23.38
CA ILE C 188 2.77 -7.11 -24.14
C ILE C 188 2.68 -6.50 -25.54
N LYS C 189 2.59 -7.37 -26.55
CA LYS C 189 2.35 -7.00 -27.97
C LYS C 189 0.91 -7.39 -28.31
N ASP C 190 0.33 -6.76 -29.33
CA ASP C 190 -1.08 -7.01 -29.70
C ASP C 190 -1.21 -8.45 -30.26
N SER C 191 -2.43 -8.97 -30.22
CA SER C 191 -2.81 -10.37 -30.57
C SER C 191 -2.48 -10.67 -32.06
N LYS C 192 -2.23 -9.66 -32.88
CA LYS C 192 -1.93 -9.81 -34.33
C LYS C 192 -0.44 -9.56 -34.65
N ALA C 193 0.41 -9.32 -33.65
CA ALA C 193 1.84 -9.02 -33.88
C ALA C 193 2.50 -10.18 -34.65
N LYS C 194 3.38 -9.85 -35.60
CA LYS C 194 4.13 -10.81 -36.45
C LYS C 194 5.34 -11.38 -35.67
N SER C 195 5.87 -10.64 -34.70
CA SER C 195 7.03 -11.00 -33.84
C SER C 195 7.01 -10.18 -32.55
N LEU C 196 7.97 -10.42 -31.65
CA LEU C 196 8.16 -9.59 -30.42
C LEU C 196 8.95 -8.32 -30.74
N GLY C 197 9.31 -8.14 -32.01
CA GLY C 197 10.06 -6.99 -32.49
C GLY C 197 11.50 -7.08 -32.02
N ASN C 198 12.13 -5.93 -31.82
CA ASN C 198 13.57 -5.86 -31.45
C ASN C 198 13.71 -6.24 -29.97
N LEU C 199 14.50 -7.28 -29.68
CA LEU C 199 14.72 -7.87 -28.34
C LEU C 199 16.08 -7.43 -27.74
N GLY C 200 16.57 -6.27 -28.17
CA GLY C 200 17.85 -5.67 -27.74
C GLY C 200 18.14 -5.77 -26.25
N ASP C 201 17.23 -5.33 -25.37
CA ASP C 201 17.47 -5.32 -23.90
C ASP C 201 16.65 -6.42 -23.22
N ALA C 202 16.14 -7.39 -23.98
CA ALA C 202 15.13 -8.38 -23.51
C ALA C 202 15.80 -9.60 -22.88
N ASP C 203 15.06 -10.25 -21.97
CA ASP C 203 15.44 -11.54 -21.35
C ASP C 203 14.62 -12.59 -22.11
N THR C 204 15.21 -13.18 -23.14
CA THR C 204 14.51 -14.13 -24.04
C THR C 204 14.17 -15.41 -23.26
N GLU C 205 14.93 -15.76 -22.24
CA GLU C 205 14.69 -17.02 -21.49
C GLU C 205 13.38 -16.90 -20.69
N HIS C 206 13.16 -15.76 -20.02
CA HIS C 206 12.12 -15.60 -18.98
C HIS C 206 10.88 -14.87 -19.52
N TYR C 207 10.94 -14.37 -20.77
CA TYR C 207 9.90 -13.51 -21.36
C TYR C 207 8.51 -14.17 -21.24
N ALA C 208 8.40 -15.41 -21.72
CA ALA C 208 7.10 -16.12 -21.80
C ALA C 208 6.46 -16.18 -20.41
N ALA C 209 7.21 -16.63 -19.40
CA ALA C 209 6.69 -16.78 -18.03
C ALA C 209 6.27 -15.41 -17.46
N SER C 210 7.00 -14.34 -17.80
CA SER C 210 6.70 -12.96 -17.34
C SER C 210 5.36 -12.50 -17.94
N ALA C 211 5.16 -12.73 -19.24
CA ALA C 211 3.90 -12.41 -19.95
C ALA C 211 2.75 -13.17 -19.28
N ARG C 212 2.95 -14.47 -19.00
CA ARG C 212 1.90 -15.31 -18.37
C ARG C 212 1.65 -14.82 -16.94
N ALA C 213 2.67 -14.37 -16.20
CA ALA C 213 2.51 -13.91 -14.81
C ALA C 213 1.64 -12.64 -14.79
N PHE C 214 1.81 -11.75 -15.77
CA PHE C 214 1.03 -10.49 -15.92
C PHE C 214 -0.47 -10.85 -16.05
N GLY C 215 -0.75 -11.80 -16.95
CA GLY C 215 -2.08 -12.39 -17.14
C GLY C 215 -2.66 -12.92 -15.84
N ALA C 216 -1.89 -13.73 -15.09
CA ALA C 216 -2.38 -14.36 -13.85
C ALA C 216 -2.57 -13.31 -12.75
N ALA C 217 -1.80 -12.22 -12.76
CA ALA C 217 -1.87 -11.15 -11.73
C ALA C 217 -3.21 -10.41 -11.86
N PHE C 218 -3.71 -10.21 -13.09
CA PHE C 218 -4.92 -9.40 -13.40
C PHE C 218 -5.95 -10.25 -14.14
N PRO C 219 -6.53 -11.28 -13.48
CA PRO C 219 -7.42 -12.22 -14.19
C PRO C 219 -8.74 -11.60 -14.70
N LYS C 220 -9.16 -10.46 -14.15
CA LYS C 220 -10.45 -9.80 -14.48
C LYS C 220 -10.24 -8.72 -15.53
N ALA C 221 -8.99 -8.46 -15.94
CA ALA C 221 -8.71 -7.46 -16.99
C ALA C 221 -9.09 -8.09 -18.33
N SER C 222 -10.07 -7.49 -19.02
CA SER C 222 -10.49 -7.92 -20.36
C SER C 222 -9.95 -6.93 -21.40
N MET C 223 -9.55 -5.73 -20.96
CA MET C 223 -8.94 -4.72 -21.85
C MET C 223 -7.46 -4.57 -21.46
N ILE C 224 -6.58 -4.95 -22.38
CA ILE C 224 -5.11 -4.96 -22.18
C ILE C 224 -4.55 -3.80 -22.96
N VAL C 225 -4.09 -2.79 -22.23
CA VAL C 225 -3.45 -1.56 -22.79
C VAL C 225 -1.96 -1.85 -22.88
N MET C 226 -1.33 -1.41 -23.96
CA MET C 226 0.11 -1.67 -24.16
C MET C 226 0.71 -0.45 -24.84
N SER C 227 2.04 -0.37 -24.86
CA SER C 227 2.79 0.84 -25.25
C SER C 227 2.62 1.17 -26.75
N HIS C 228 2.58 0.18 -27.64
CA HIS C 228 2.78 0.42 -29.09
C HIS C 228 1.64 -0.15 -29.95
N SER C 229 0.52 -0.52 -29.35
CA SER C 229 -0.71 -0.95 -30.06
C SER C 229 -1.93 -0.41 -29.31
N ALA C 230 -3.07 -0.40 -30.00
CA ALA C 230 -4.37 -0.02 -29.45
C ALA C 230 -4.76 -1.08 -28.43
N PRO C 231 -5.60 -0.72 -27.43
CA PRO C 231 -6.06 -1.66 -26.43
C PRO C 231 -6.62 -2.93 -27.09
N ASP C 232 -6.36 -4.07 -26.48
CA ASP C 232 -6.62 -5.39 -27.10
C ASP C 232 -7.30 -6.27 -26.05
N SER C 233 -7.67 -7.48 -26.46
CA SER C 233 -8.19 -8.54 -25.57
C SER C 233 -7.02 -9.23 -24.88
N ARG C 234 -7.34 -10.14 -23.96
CA ARG C 234 -6.38 -11.05 -23.29
C ARG C 234 -5.65 -11.94 -24.30
N ALA C 235 -6.13 -12.03 -25.54
CA ALA C 235 -5.41 -12.75 -26.62
C ALA C 235 -4.02 -12.13 -26.84
N ALA C 236 -3.85 -10.83 -26.56
CA ALA C 236 -2.53 -10.13 -26.61
C ALA C 236 -1.52 -10.83 -25.69
N ILE C 237 -1.95 -11.21 -24.50
CA ILE C 237 -1.10 -11.87 -23.46
C ILE C 237 -0.71 -13.27 -23.97
N THR C 238 -1.69 -14.10 -24.34
CA THR C 238 -1.43 -15.48 -24.81
CA THR C 238 -1.45 -15.49 -24.82
C THR C 238 -0.54 -15.43 -26.05
N HIS C 239 -0.81 -14.54 -27.01
CA HIS C 239 -0.01 -14.40 -28.25
C HIS C 239 1.44 -14.01 -27.90
N THR C 240 1.61 -13.05 -26.98
CA THR C 240 2.95 -12.57 -26.57
C THR C 240 3.70 -13.75 -25.95
N ALA C 241 3.06 -14.48 -25.05
CA ALA C 241 3.68 -15.62 -24.33
C ALA C 241 4.06 -16.71 -25.35
N ARG C 242 3.20 -16.99 -26.33
CA ARG C 242 3.45 -18.09 -27.30
C ARG C 242 4.60 -17.69 -28.24
N MET C 243 4.67 -16.43 -28.66
CA MET C 243 5.82 -15.93 -29.46
C MET C 243 7.10 -16.04 -28.61
N ALA C 244 7.02 -15.73 -27.32
CA ALA C 244 8.18 -15.78 -26.38
C ALA C 244 8.60 -17.24 -26.14
N ASP C 245 7.67 -18.19 -26.16
CA ASP C 245 7.98 -19.64 -26.03
C ASP C 245 8.97 -20.05 -27.12
N LYS C 246 8.93 -19.43 -28.31
CA LYS C 246 9.77 -19.81 -29.49
CA LYS C 246 9.79 -19.82 -29.46
C LYS C 246 11.19 -19.23 -29.35
N LEU C 247 11.46 -18.44 -28.31
CA LEU C 247 12.79 -17.82 -28.06
C LEU C 247 13.64 -18.75 -27.19
N ARG C 248 12.99 -19.60 -26.40
CA ARG C 248 13.65 -20.74 -25.71
C ARG C 248 13.80 -21.90 -26.70
N LEU D 3 14.91 4.06 -29.26
CA LEU D 3 13.59 4.64 -29.44
C LEU D 3 12.54 3.55 -29.32
N PRO D 5 10.67 0.41 -29.47
CA PRO D 5 10.73 -0.79 -30.33
C PRO D 5 11.70 -0.65 -31.51
N VAL D 6 12.13 0.59 -31.83
CA VAL D 6 13.17 0.86 -32.86
C VAL D 6 14.51 0.89 -32.16
N PRO D 7 15.46 -0.02 -32.49
CA PRO D 7 16.73 -0.10 -31.77
C PRO D 7 17.61 1.16 -31.93
N GLU D 8 17.55 1.83 -33.09
CA GLU D 8 18.25 3.11 -33.40
C GLU D 8 17.94 4.16 -32.34
N GLY E 20 47.06 -26.87 3.10
CA GLY E 20 46.21 -25.97 3.95
C GLY E 20 44.71 -26.25 3.80
N ASP E 21 44.30 -26.85 2.68
CA ASP E 21 42.89 -27.20 2.39
C ASP E 21 42.49 -28.44 3.20
N GLN E 22 41.22 -28.48 3.62
CA GLN E 22 40.63 -29.61 4.36
C GLN E 22 39.52 -30.23 3.51
N ARG E 23 39.57 -31.55 3.34
CA ARG E 23 38.54 -32.33 2.60
C ARG E 23 37.56 -32.91 3.60
N PHE E 24 36.28 -32.93 3.26
CA PHE E 24 35.19 -33.52 4.07
C PHE E 24 34.17 -34.10 3.09
N GLY E 25 34.11 -35.43 2.97
CA GLY E 25 33.40 -36.11 1.88
C GLY E 25 33.87 -35.59 0.53
N ASP E 26 32.94 -35.06 -0.29
CA ASP E 26 33.23 -34.55 -1.66
C ASP E 26 33.56 -33.05 -1.63
N LEU E 27 33.64 -32.43 -0.44
CA LEU E 27 33.81 -30.96 -0.32
C LEU E 27 35.21 -30.61 0.18
N VAL E 28 35.64 -29.39 -0.17
CA VAL E 28 36.93 -28.78 0.25
C VAL E 28 36.63 -27.45 0.94
N PHE E 29 37.27 -27.22 2.08
CA PHE E 29 37.22 -25.99 2.89
C PHE E 29 38.63 -25.43 2.99
N ARG E 30 38.73 -24.11 2.81
CA ARG E 30 39.99 -23.33 2.97
C ARG E 30 39.67 -22.13 3.87
N GLN E 31 40.37 -21.98 5.00
CA GLN E 31 40.23 -20.79 5.87
C GLN E 31 40.84 -19.59 5.15
N LEU E 32 40.10 -18.48 5.05
CA LEU E 32 40.55 -17.27 4.32
C LEU E 32 40.90 -16.19 5.34
N ALA E 33 40.32 -16.25 6.52
CA ALA E 33 40.48 -15.26 7.61
C ALA E 33 40.15 -15.94 8.92
N PRO E 34 40.43 -15.33 10.09
CA PRO E 34 40.13 -15.96 11.38
C PRO E 34 38.71 -16.54 11.49
N ASN E 35 37.71 -15.88 10.89
CA ASN E 35 36.28 -16.27 11.01
C ASN E 35 35.63 -16.51 9.64
N VAL E 36 36.42 -16.77 8.59
CA VAL E 36 35.87 -16.94 7.21
C VAL E 36 36.54 -18.14 6.53
N TRP E 37 35.73 -19.04 5.98
CA TRP E 37 36.18 -20.18 5.14
C TRP E 37 35.49 -20.12 3.79
N GLN E 38 36.18 -20.60 2.76
CA GLN E 38 35.59 -20.87 1.44
C GLN E 38 35.20 -22.34 1.41
N HIS E 39 33.93 -22.63 1.07
CA HIS E 39 33.48 -24.00 0.72
C HIS E 39 33.54 -24.17 -0.81
N THR E 40 34.02 -25.32 -1.25
CA THR E 40 34.10 -25.67 -2.69
C THR E 40 33.42 -27.02 -2.88
N SER E 41 32.48 -27.10 -3.81
CA SER E 41 31.81 -28.34 -4.23
C SER E 41 32.03 -28.47 -5.74
N TYR E 42 31.86 -29.69 -6.27
CA TYR E 42 32.18 -30.02 -7.67
C TYR E 42 31.00 -30.78 -8.28
N LEU E 43 30.66 -30.43 -9.51
CA LEU E 43 29.72 -31.23 -10.34
C LEU E 43 30.48 -31.68 -11.58
N ASP E 44 30.67 -33.00 -11.74
CA ASP E 44 31.16 -33.65 -12.98
C ASP E 44 29.97 -33.75 -13.93
N MET E 45 30.04 -33.06 -15.07
CA MET E 45 29.04 -33.16 -16.17
C MET E 45 29.61 -34.08 -17.26
N PRO E 46 28.83 -35.06 -17.77
CA PRO E 46 29.27 -35.90 -18.89
C PRO E 46 29.74 -35.05 -20.08
N GLY E 47 30.99 -35.23 -20.51
CA GLY E 47 31.58 -34.57 -21.70
C GLY E 47 32.19 -33.22 -21.39
N PHE E 48 31.98 -32.67 -20.19
CA PHE E 48 32.38 -31.29 -19.78
C PHE E 48 33.37 -31.35 -18.61
N GLY E 49 33.24 -32.31 -17.70
CA GLY E 49 34.18 -32.56 -16.59
C GLY E 49 33.77 -31.86 -15.30
N ALA E 50 34.63 -31.89 -14.28
CA ALA E 50 34.37 -31.36 -12.92
C ALA E 50 34.36 -29.82 -12.93
N VAL E 51 33.31 -29.19 -12.39
CA VAL E 51 33.21 -27.72 -12.24
C VAL E 51 33.19 -27.41 -10.74
N ALA E 52 34.17 -26.64 -10.26
CA ALA E 52 34.24 -26.12 -8.89
C ALA E 52 33.24 -24.96 -8.74
N SER E 53 32.53 -24.89 -7.61
CA SER E 53 31.80 -23.68 -7.17
C SER E 53 32.15 -23.37 -5.73
N ASN E 54 32.43 -22.10 -5.46
CA ASN E 54 32.87 -21.59 -4.14
C ASN E 54 31.72 -20.81 -3.48
N GLY E 55 31.55 -21.02 -2.19
CA GLY E 55 30.78 -20.11 -1.32
C GLY E 55 31.56 -19.78 -0.08
N LEU E 56 30.91 -19.16 0.90
CA LEU E 56 31.56 -18.74 2.15
C LEU E 56 30.81 -19.29 3.37
N ILE E 57 31.58 -19.47 4.44
CA ILE E 57 31.13 -19.76 5.82
C ILE E 57 31.74 -18.69 6.68
N VAL E 58 30.91 -18.01 7.48
CA VAL E 58 31.34 -16.89 8.35
C VAL E 58 30.93 -17.22 9.79
N ARG E 59 31.90 -17.26 10.71
CA ARG E 59 31.65 -17.31 12.17
C ARG E 59 31.43 -15.87 12.67
N ASP E 60 30.27 -15.62 13.26
CA ASP E 60 29.90 -14.32 13.85
C ASP E 60 29.51 -14.54 15.32
N GLY E 61 30.49 -14.45 16.23
CA GLY E 61 30.31 -14.78 17.65
C GLY E 61 29.85 -16.22 17.83
N GLY E 62 28.62 -16.43 18.30
CA GLY E 62 28.08 -17.77 18.63
C GLY E 62 27.21 -18.36 17.54
N ARG E 63 27.28 -17.82 16.32
CA ARG E 63 26.50 -18.37 15.18
C ARG E 63 27.35 -18.39 13.91
N VAL E 64 26.90 -19.19 12.95
CA VAL E 64 27.54 -19.29 11.61
C VAL E 64 26.54 -18.79 10.58
N LEU E 65 27.04 -18.03 9.59
CA LEU E 65 26.27 -17.53 8.43
C LEU E 65 26.88 -18.19 7.19
N VAL E 66 26.05 -18.67 6.26
CA VAL E 66 26.53 -19.31 5.01
C VAL E 66 26.18 -18.43 3.82
N VAL E 67 27.11 -18.34 2.86
CA VAL E 67 26.85 -17.69 1.55
C VAL E 67 26.92 -18.80 0.51
N ASP E 68 25.78 -19.04 -0.14
CA ASP E 68 25.57 -19.99 -1.26
C ASP E 68 25.53 -21.43 -0.75
N THR E 69 24.70 -22.24 -1.39
CA THR E 69 24.69 -23.71 -1.19
C THR E 69 25.82 -24.29 -2.04
N ALA E 70 25.95 -25.61 -1.99
CA ALA E 70 26.71 -26.41 -2.97
C ALA E 70 25.78 -26.72 -4.14
N TRP E 71 26.30 -27.38 -5.17
CA TRP E 71 25.54 -27.82 -6.37
C TRP E 71 24.30 -28.63 -5.97
N THR E 72 24.37 -29.45 -4.92
CA THR E 72 23.32 -30.43 -4.56
C THR E 72 22.98 -30.37 -3.07
N ASP E 73 21.82 -30.96 -2.74
CA ASP E 73 21.34 -31.13 -1.34
C ASP E 73 22.36 -31.96 -0.56
N ASP E 74 22.85 -33.09 -1.13
CA ASP E 74 23.82 -33.99 -0.45
C ASP E 74 25.10 -33.22 -0.13
N GLN E 75 25.64 -32.48 -1.11
CA GLN E 75 26.86 -31.66 -0.91
C GLN E 75 26.59 -30.60 0.17
N THR E 76 25.40 -29.97 0.16
CA THR E 76 25.05 -28.88 1.12
C THR E 76 24.93 -29.47 2.53
N ALA E 77 24.33 -30.67 2.66
CA ALA E 77 24.29 -31.42 3.94
C ALA E 77 25.73 -31.61 4.45
N GLN E 78 26.68 -31.95 3.57
CA GLN E 78 28.10 -32.16 3.97
C GLN E 78 28.69 -30.83 4.47
N ILE E 79 28.31 -29.68 3.88
CA ILE E 79 28.77 -28.36 4.40
C ILE E 79 28.30 -28.24 5.85
N LEU E 80 27.02 -28.56 6.11
CA LEU E 80 26.44 -28.39 7.47
C LEU E 80 27.16 -29.31 8.46
N ASN E 81 27.54 -30.51 8.00
CA ASN E 81 28.20 -31.52 8.88
C ASN E 81 29.62 -31.05 9.17
N TRP E 82 30.34 -30.52 8.17
CA TRP E 82 31.68 -29.94 8.39
C TRP E 82 31.59 -28.80 9.39
N ILE E 83 30.59 -27.92 9.27
CA ILE E 83 30.45 -26.78 10.21
C ILE E 83 30.24 -27.34 11.61
N LYS E 84 29.36 -28.33 11.76
CA LYS E 84 29.04 -28.93 13.07
C LYS E 84 30.33 -29.52 13.69
N GLN E 85 31.14 -30.19 12.88
CA GLN E 85 32.38 -30.86 13.33
C GLN E 85 33.49 -29.83 13.61
N GLU E 86 33.74 -28.90 12.69
CA GLU E 86 34.95 -28.02 12.80
C GLU E 86 34.63 -26.76 13.61
N ILE E 87 33.41 -26.22 13.54
CA ILE E 87 33.06 -24.94 14.21
C ILE E 87 32.11 -25.20 15.39
N ASN E 88 31.18 -26.14 15.26
CA ASN E 88 30.21 -26.55 16.32
C ASN E 88 29.50 -25.31 16.88
N LEU E 89 28.89 -24.51 15.99
CA LEU E 89 27.95 -23.41 16.34
C LEU E 89 26.75 -23.53 15.39
N PRO E 90 25.55 -23.08 15.78
CA PRO E 90 24.38 -23.18 14.91
C PRO E 90 24.49 -22.23 13.70
N VAL E 91 24.00 -22.69 12.57
CA VAL E 91 23.84 -21.86 11.35
C VAL E 91 22.57 -21.03 11.53
N ALA E 92 22.74 -19.72 11.77
CA ALA E 92 21.62 -18.77 11.93
C ALA E 92 20.92 -18.51 10.60
N LEU E 93 21.65 -18.43 9.48
CA LEU E 93 21.01 -18.08 8.19
C LEU E 93 21.96 -18.37 7.04
N ALA E 94 21.41 -18.47 5.85
CA ALA E 94 22.17 -18.54 4.57
C ALA E 94 21.62 -17.46 3.64
N VAL E 95 22.53 -16.82 2.91
CA VAL E 95 22.17 -15.93 1.77
C VAL E 95 22.72 -16.57 0.49
N VAL E 96 21.92 -16.60 -0.57
CA VAL E 96 22.29 -17.25 -1.86
C VAL E 96 22.25 -16.16 -2.94
N THR E 97 23.20 -16.19 -3.88
CA THR E 97 23.59 -14.96 -4.62
C THR E 97 22.97 -14.91 -6.02
N HIS E 98 22.36 -16.00 -6.51
CA HIS E 98 21.40 -15.99 -7.66
C HIS E 98 20.80 -17.38 -7.88
N ALA E 99 19.79 -17.45 -8.73
CA ALA E 99 18.98 -18.67 -9.00
C ALA E 99 19.61 -19.48 -10.12
N HIS E 100 20.82 -20.00 -9.85
CA HIS E 100 21.46 -21.09 -10.63
C HIS E 100 21.83 -22.20 -9.66
N GLN E 101 22.03 -23.40 -10.20
CA GLN E 101 22.26 -24.67 -9.42
C GLN E 101 23.45 -24.54 -8.47
N ASP E 102 24.53 -23.87 -8.90
CA ASP E 102 25.79 -23.78 -8.12
C ASP E 102 25.55 -23.01 -6.83
N LYS E 103 24.57 -22.09 -6.81
CA LYS E 103 24.32 -21.18 -5.67
C LYS E 103 23.09 -21.61 -4.88
N MET E 104 22.12 -22.26 -5.50
CA MET E 104 20.80 -22.56 -4.88
C MET E 104 20.41 -24.04 -5.01
N GLY E 105 21.29 -24.91 -5.52
CA GLY E 105 20.96 -26.34 -5.70
C GLY E 105 20.64 -27.06 -4.38
N GLY E 106 21.08 -26.52 -3.24
CA GLY E 106 21.01 -27.20 -1.94
C GLY E 106 20.01 -26.59 -0.97
N MET E 107 19.05 -25.81 -1.47
CA MET E 107 18.08 -25.09 -0.59
C MET E 107 17.29 -26.09 0.26
N ASP E 108 16.88 -27.24 -0.28
CA ASP E 108 16.10 -28.27 0.48
C ASP E 108 16.90 -28.74 1.69
N ALA E 109 18.22 -28.94 1.56
CA ALA E 109 19.10 -29.36 2.68
C ALA E 109 19.12 -28.27 3.77
N LEU E 110 19.23 -27.00 3.38
CA LEU E 110 19.19 -25.88 4.39
C LEU E 110 17.84 -25.89 5.11
N HIS E 111 16.75 -26.02 4.36
CA HIS E 111 15.37 -25.96 4.92
C HIS E 111 15.14 -27.16 5.85
N ALA E 112 15.60 -28.37 5.47
CA ALA E 112 15.48 -29.60 6.28
C ALA E 112 16.23 -29.44 7.60
N ALA E 113 17.26 -28.58 7.65
CA ALA E 113 18.07 -28.31 8.86
C ALA E 113 17.48 -27.15 9.67
N GLY E 114 16.36 -26.58 9.24
CA GLY E 114 15.69 -25.46 9.93
C GLY E 114 16.48 -24.16 9.82
N ILE E 115 17.24 -23.98 8.75
CA ILE E 115 18.06 -22.73 8.54
C ILE E 115 17.22 -21.72 7.76
N ALA E 116 17.10 -20.50 8.28
CA ALA E 116 16.48 -19.34 7.59
C ALA E 116 17.30 -18.98 6.32
N THR E 117 16.65 -18.93 5.16
CA THR E 117 17.31 -18.65 3.87
C THR E 117 16.83 -17.31 3.29
N TYR E 118 17.78 -16.56 2.72
CA TYR E 118 17.55 -15.23 2.12
C TYR E 118 18.09 -15.24 0.69
N ALA E 119 17.35 -14.63 -0.22
CA ALA E 119 17.80 -14.36 -1.60
C ALA E 119 17.16 -13.06 -2.06
N ASN E 120 17.77 -12.42 -3.06
CA ASN E 120 17.14 -11.37 -3.87
C ASN E 120 15.70 -11.82 -4.16
N ALA E 121 14.71 -10.95 -3.91
CA ALA E 121 13.31 -11.16 -4.34
C ALA E 121 13.27 -11.71 -5.79
N LEU E 122 14.07 -11.15 -6.70
CA LEU E 122 14.10 -11.57 -8.12
C LEU E 122 14.62 -13.02 -8.24
N SER E 123 15.58 -13.41 -7.40
CA SER E 123 16.13 -14.81 -7.37
C SER E 123 14.97 -15.75 -6.98
N ASN E 124 14.21 -15.38 -5.97
CA ASN E 124 13.07 -16.17 -5.47
C ASN E 124 12.01 -16.26 -6.57
N GLN E 125 11.78 -15.18 -7.30
CA GLN E 125 10.79 -15.14 -8.42
C GLN E 125 11.28 -16.02 -9.59
N LEU E 126 12.58 -16.01 -9.88
CA LEU E 126 13.14 -16.77 -11.03
C LEU E 126 13.31 -18.24 -10.68
N ALA E 127 13.34 -18.58 -9.40
CA ALA E 127 13.80 -19.90 -8.92
C ALA E 127 13.03 -21.03 -9.63
N PRO E 128 11.66 -21.01 -9.66
CA PRO E 128 10.91 -22.09 -10.29
C PRO E 128 11.34 -22.28 -11.75
N GLN E 129 11.46 -21.19 -12.51
CA GLN E 129 11.85 -21.27 -13.94
C GLN E 129 13.28 -21.80 -14.10
N GLU E 130 14.16 -21.57 -13.12
CA GLU E 130 15.58 -22.03 -13.20
C GLU E 130 15.71 -23.43 -12.56
N GLY E 131 14.60 -24.03 -12.13
CA GLY E 131 14.60 -25.39 -11.56
C GLY E 131 15.05 -25.40 -10.11
N MET E 132 15.03 -24.24 -9.43
CA MET E 132 15.55 -24.09 -8.05
C MET E 132 14.38 -23.95 -7.09
N VAL E 133 14.58 -24.32 -5.83
CA VAL E 133 13.69 -24.00 -4.69
C VAL E 133 14.02 -22.58 -4.19
N ALA E 134 12.99 -21.76 -4.02
CA ALA E 134 13.10 -20.36 -3.52
C ALA E 134 13.61 -20.35 -2.07
N ALA E 135 14.29 -19.28 -1.68
CA ALA E 135 14.61 -19.01 -0.26
C ALA E 135 13.32 -18.68 0.49
N GLN E 136 13.31 -18.76 1.83
CA GLN E 136 12.14 -18.42 2.68
C GLN E 136 11.89 -16.92 2.67
N HIS E 137 12.95 -16.12 2.56
CA HIS E 137 12.92 -14.64 2.72
C HIS E 137 13.47 -13.96 1.47
N SER E 138 12.87 -12.85 1.09
CA SER E 138 13.27 -12.01 -0.07
C SER E 138 14.01 -10.77 0.43
N LEU E 139 15.20 -10.53 -0.11
CA LEU E 139 15.95 -9.27 0.04
C LEU E 139 15.47 -8.26 -1.02
N THR E 140 15.32 -6.99 -0.64
CA THR E 140 15.08 -5.90 -1.60
C THR E 140 16.19 -4.86 -1.46
N PHE E 141 16.32 -3.99 -2.46
CA PHE E 141 17.49 -3.11 -2.68
C PHE E 141 17.02 -1.69 -3.00
N ALA E 142 17.77 -0.70 -2.53
CA ALA E 142 17.64 0.71 -2.91
C ALA E 142 18.16 0.87 -4.35
N ALA E 143 17.90 2.02 -4.96
CA ALA E 143 18.37 2.34 -6.34
C ALA E 143 19.90 2.34 -6.37
N ASN E 144 20.57 2.57 -5.23
CA ASN E 144 22.04 2.62 -5.11
C ASN E 144 22.62 1.21 -4.91
N GLY E 145 21.79 0.17 -4.79
CA GLY E 145 22.25 -1.23 -4.74
C GLY E 145 22.32 -1.81 -3.34
N TRP E 146 22.31 -0.97 -2.29
CA TRP E 146 22.39 -1.46 -0.90
C TRP E 146 21.08 -2.14 -0.48
N VAL E 147 21.21 -3.29 0.19
CA VAL E 147 20.05 -4.04 0.71
C VAL E 147 19.27 -3.13 1.67
N GLU E 148 17.94 -3.23 1.61
CA GLU E 148 17.02 -2.58 2.58
C GLU E 148 17.19 -3.33 3.90
N PRO E 149 17.72 -2.66 4.96
CA PRO E 149 18.12 -3.34 6.19
C PRO E 149 17.04 -4.22 6.82
N ALA E 150 15.76 -3.81 6.69
CA ALA E 150 14.60 -4.49 7.30
C ALA E 150 14.40 -5.85 6.64
N THR E 151 14.85 -6.06 5.39
CA THR E 151 14.73 -7.35 4.67
C THR E 151 15.90 -8.28 5.05
N ALA E 152 16.97 -7.74 5.66
CA ALA E 152 18.18 -8.51 6.07
C ALA E 152 18.44 -8.33 7.57
N PRO E 153 17.50 -8.73 8.45
CA PRO E 153 17.68 -8.54 9.89
C PRO E 153 18.76 -9.46 10.45
N ASN E 154 19.59 -8.94 11.34
CA ASN E 154 20.63 -9.68 12.11
C ASN E 154 21.63 -10.35 11.16
N PHE E 155 22.05 -9.63 10.11
CA PHE E 155 23.02 -10.15 9.11
C PHE E 155 24.44 -10.00 9.65
N GLY E 156 24.60 -9.37 10.82
CA GLY E 156 25.90 -9.22 11.49
C GLY E 156 26.91 -8.58 10.54
N PRO E 157 28.04 -9.23 10.24
CA PRO E 157 29.04 -8.65 9.35
C PRO E 157 28.70 -8.74 7.86
N LEU E 158 27.63 -9.44 7.47
CA LEU E 158 27.29 -9.60 6.03
C LEU E 158 26.70 -8.29 5.50
N LYS E 159 27.38 -7.67 4.54
CA LYS E 159 26.91 -6.42 3.87
C LYS E 159 26.48 -6.78 2.44
N VAL E 160 25.18 -6.80 2.20
CA VAL E 160 24.63 -7.33 0.91
C VAL E 160 24.38 -6.17 -0.05
N PHE E 161 24.90 -6.32 -1.26
CA PHE E 161 24.84 -5.29 -2.30
C PHE E 161 24.42 -5.90 -3.62
N TYR E 162 23.42 -5.29 -4.25
CA TYR E 162 22.97 -5.64 -5.62
C TYR E 162 23.65 -4.68 -6.59
N PRO E 163 24.63 -5.14 -7.39
CA PRO E 163 25.45 -4.23 -8.19
C PRO E 163 24.77 -3.84 -9.51
N GLY E 164 23.66 -4.50 -9.84
CA GLY E 164 22.98 -4.38 -11.13
C GLY E 164 23.18 -5.64 -11.95
N PRO E 165 22.49 -5.77 -13.10
CA PRO E 165 22.53 -6.97 -13.89
C PRO E 165 23.92 -7.20 -14.51
N GLY E 166 24.35 -8.45 -14.60
CA GLY E 166 25.63 -8.81 -15.23
C GLY E 166 25.63 -10.28 -15.59
N HIS E 167 26.16 -11.11 -14.71
CA HIS E 167 26.13 -12.59 -14.87
C HIS E 167 24.68 -13.04 -15.07
N THR E 168 23.79 -12.52 -14.24
CA THR E 168 22.32 -12.62 -14.35
C THR E 168 21.71 -11.28 -13.94
N SER E 169 20.40 -11.10 -14.10
CA SER E 169 19.68 -9.89 -13.65
C SER E 169 19.59 -9.87 -12.11
N ASP E 170 19.68 -11.03 -11.47
CA ASP E 170 19.41 -11.18 -10.00
C ASP E 170 20.69 -11.30 -9.17
N ASN E 171 21.89 -11.35 -9.78
CA ASN E 171 23.17 -11.58 -9.05
C ASN E 171 23.33 -10.54 -7.95
N ILE E 172 23.62 -11.01 -6.73
CA ILE E 172 23.98 -10.14 -5.59
C ILE E 172 25.39 -10.50 -5.11
N THR E 173 25.93 -9.63 -4.25
CA THR E 173 27.30 -9.69 -3.74
C THR E 173 27.27 -9.43 -2.24
N VAL E 174 28.30 -9.86 -1.54
CA VAL E 174 28.36 -9.80 -0.05
C VAL E 174 29.78 -9.41 0.38
N GLY E 175 29.91 -8.31 1.13
CA GLY E 175 31.15 -7.96 1.85
C GLY E 175 31.09 -8.47 3.28
N ILE E 176 32.22 -8.89 3.84
CA ILE E 176 32.31 -9.32 5.27
C ILE E 176 32.99 -8.18 6.04
N ASP E 177 32.19 -7.39 6.74
CA ASP E 177 32.65 -6.31 7.65
C ASP E 177 33.67 -6.88 8.64
N GLY E 178 34.71 -6.11 8.94
CA GLY E 178 35.82 -6.51 9.83
C GLY E 178 36.80 -7.45 9.16
N THR E 179 36.73 -7.65 7.84
CA THR E 179 37.68 -8.46 7.05
C THR E 179 38.10 -7.68 5.81
N ASP E 180 39.02 -8.22 5.03
CA ASP E 180 39.45 -7.67 3.72
C ASP E 180 38.66 -8.35 2.59
N ILE E 181 37.58 -9.06 2.93
CA ILE E 181 36.93 -10.02 1.96
C ILE E 181 35.64 -9.41 1.41
N ALA E 182 35.48 -9.46 0.10
CA ALA E 182 34.19 -9.23 -0.58
C ALA E 182 33.94 -10.38 -1.58
N PHE E 183 32.70 -10.89 -1.61
CA PHE E 183 32.29 -12.04 -2.46
C PHE E 183 31.51 -11.51 -3.67
N GLY E 184 32.05 -11.71 -4.87
CA GLY E 184 31.46 -11.29 -6.15
C GLY E 184 30.58 -12.38 -6.75
N GLY E 185 30.60 -13.57 -6.16
CA GLY E 185 29.89 -14.73 -6.71
C GLY E 185 30.31 -14.95 -8.15
N CYS E 186 29.36 -15.20 -9.05
CA CYS E 186 29.61 -15.55 -10.46
C CYS E 186 29.78 -14.30 -11.32
N LEU E 187 29.53 -13.10 -10.76
CA LEU E 187 29.65 -11.83 -11.52
C LEU E 187 31.13 -11.60 -11.84
N ILE E 188 32.03 -11.89 -10.91
CA ILE E 188 33.49 -11.56 -11.02
C ILE E 188 34.28 -12.79 -11.50
N LYS E 189 35.17 -12.56 -12.48
CA LYS E 189 36.14 -13.57 -13.00
C LYS E 189 37.54 -13.20 -12.49
N ASP E 190 38.45 -14.16 -12.44
CA ASP E 190 39.82 -13.90 -11.90
C ASP E 190 40.57 -12.99 -12.88
N SER E 191 41.61 -12.32 -12.36
CA SER E 191 42.43 -11.29 -13.06
C SER E 191 43.12 -11.85 -14.31
N LYS E 192 43.19 -13.18 -14.45
CA LYS E 192 43.89 -13.87 -15.56
C LYS E 192 42.90 -14.50 -16.54
N ALA E 193 41.57 -14.35 -16.35
CA ALA E 193 40.58 -14.97 -17.24
C ALA E 193 40.80 -14.50 -18.69
N LYS E 194 40.66 -15.39 -19.66
CA LYS E 194 40.77 -15.06 -21.12
C LYS E 194 39.50 -14.37 -21.65
N SER E 195 38.33 -14.61 -21.04
CA SER E 195 37.02 -14.05 -21.46
C SER E 195 36.03 -14.09 -20.28
N LEU E 196 34.81 -13.56 -20.47
CA LEU E 196 33.70 -13.65 -19.48
C LEU E 196 33.03 -15.02 -19.60
N GLY E 197 33.46 -15.84 -20.55
CA GLY E 197 32.87 -17.16 -20.83
C GLY E 197 31.49 -17.00 -21.44
N ASN E 198 30.62 -17.97 -21.14
CA ASN E 198 29.26 -18.09 -21.69
C ASN E 198 28.39 -16.96 -21.13
N LEU E 199 27.79 -16.18 -22.02
CA LEU E 199 26.96 -14.98 -21.72
C LEU E 199 25.44 -15.34 -21.79
N GLY E 200 25.11 -16.63 -21.79
CA GLY E 200 23.75 -17.14 -21.65
C GLY E 200 23.27 -16.82 -20.26
N ASP E 201 22.23 -15.97 -20.20
CA ASP E 201 21.56 -15.45 -18.98
C ASP E 201 22.10 -14.06 -18.63
N ALA E 202 23.19 -13.60 -19.26
CA ALA E 202 23.93 -12.40 -18.84
C ALA E 202 23.38 -11.16 -19.54
N ASP E 203 23.54 -10.03 -18.89
CA ASP E 203 23.19 -8.69 -19.40
C ASP E 203 24.51 -8.07 -19.88
N THR E 204 24.81 -8.22 -21.16
CA THR E 204 26.11 -7.78 -21.74
C THR E 204 26.16 -6.25 -21.74
N GLU E 205 25.02 -5.58 -21.79
CA GLU E 205 24.96 -4.10 -21.85
C GLU E 205 25.46 -3.52 -20.52
N HIS E 206 25.02 -4.07 -19.39
CA HIS E 206 25.15 -3.44 -18.05
C HIS E 206 26.27 -4.11 -17.24
N TYR E 207 26.86 -5.19 -17.75
CA TYR E 207 27.83 -6.03 -17.01
C TYR E 207 28.98 -5.16 -16.46
N ALA E 208 29.60 -4.34 -17.31
CA ALA E 208 30.79 -3.52 -16.92
C ALA E 208 30.44 -2.65 -15.70
N ALA E 209 29.32 -1.92 -15.77
CA ALA E 209 28.89 -0.98 -14.71
C ALA E 209 28.60 -1.76 -13.42
N SER E 210 28.04 -2.96 -13.54
CA SER E 210 27.69 -3.81 -12.38
C SER E 210 28.97 -4.26 -11.68
N ALA E 211 29.96 -4.72 -12.45
CA ALA E 211 31.30 -5.10 -11.92
C ALA E 211 31.91 -3.92 -11.19
N ARG E 212 31.87 -2.73 -11.79
CA ARG E 212 32.46 -1.52 -11.20
C ARG E 212 31.68 -1.12 -9.96
N ALA E 213 30.35 -1.30 -9.92
CA ALA E 213 29.53 -0.93 -8.75
C ALA E 213 29.93 -1.82 -7.55
N PHE E 214 30.19 -3.10 -7.79
CA PHE E 214 30.62 -4.10 -6.77
C PHE E 214 31.93 -3.61 -6.12
N GLY E 215 32.87 -3.21 -6.98
CA GLY E 215 34.15 -2.58 -6.59
C GLY E 215 33.93 -1.34 -5.73
N ALA E 216 33.04 -0.43 -6.15
CA ALA E 216 32.81 0.84 -5.45
C ALA E 216 32.07 0.57 -4.13
N ALA E 217 31.26 -0.49 -4.05
CA ALA E 217 30.48 -0.82 -2.83
C ALA E 217 31.42 -1.26 -1.71
N PHE E 218 32.50 -1.97 -2.04
CA PHE E 218 33.46 -2.57 -1.08
C PHE E 218 34.88 -2.05 -1.34
N PRO E 219 35.13 -0.75 -1.15
CA PRO E 219 36.39 -0.16 -1.58
C PRO E 219 37.61 -0.64 -0.75
N LYS E 220 37.39 -1.20 0.43
CA LYS E 220 38.47 -1.62 1.37
C LYS E 220 38.79 -3.10 1.18
N ALA E 221 37.99 -3.83 0.39
CA ALA E 221 38.18 -5.28 0.18
C ALA E 221 39.40 -5.48 -0.72
N SER E 222 40.41 -6.19 -0.21
CA SER E 222 41.64 -6.52 -0.98
C SER E 222 41.61 -8.00 -1.40
N MET E 223 40.77 -8.83 -0.76
CA MET E 223 40.60 -10.25 -1.15
C MET E 223 39.21 -10.44 -1.76
N ILE E 224 39.16 -10.76 -3.05
CA ILE E 224 37.91 -10.90 -3.84
C ILE E 224 37.69 -12.38 -4.07
N VAL E 225 36.66 -12.91 -3.42
CA VAL E 225 36.23 -14.34 -3.55
C VAL E 225 35.20 -14.40 -4.67
N MET E 226 35.27 -15.44 -5.49
CA MET E 226 34.34 -15.62 -6.61
C MET E 226 34.01 -17.10 -6.75
N SER E 227 32.98 -17.40 -7.52
CA SER E 227 32.35 -18.75 -7.57
C SER E 227 33.28 -19.78 -8.23
N HIS E 228 34.05 -19.41 -9.25
CA HIS E 228 34.69 -20.40 -10.16
C HIS E 228 36.20 -20.12 -10.31
N SER E 229 36.80 -19.35 -9.41
CA SER E 229 38.28 -19.18 -9.28
C SER E 229 38.65 -19.05 -7.81
N ALA E 230 39.93 -19.23 -7.51
CA ALA E 230 40.52 -19.02 -6.18
C ALA E 230 40.44 -17.54 -5.85
N PRO E 231 40.43 -17.18 -4.55
CA PRO E 231 40.39 -15.78 -4.15
C PRO E 231 41.51 -14.98 -4.85
N ASP E 232 41.23 -13.74 -5.23
CA ASP E 232 42.11 -12.92 -6.08
C ASP E 232 42.21 -11.53 -5.46
N SER E 233 43.02 -10.66 -6.06
CA SER E 233 43.10 -9.22 -5.74
C SER E 233 41.95 -8.48 -6.44
N ARG E 234 41.82 -7.18 -6.17
CA ARG E 234 40.91 -6.23 -6.82
C ARG E 234 41.14 -6.20 -8.34
N ALA E 235 42.29 -6.71 -8.83
CA ALA E 235 42.56 -6.82 -10.29
C ALA E 235 41.48 -7.69 -10.95
N ALA E 236 40.89 -8.64 -10.24
CA ALA E 236 39.76 -9.47 -10.72
C ALA E 236 38.58 -8.56 -11.14
N ILE E 237 38.27 -7.56 -10.34
CA ILE E 237 37.15 -6.61 -10.59
C ILE E 237 37.47 -5.76 -11.83
N THR E 238 38.63 -5.10 -11.84
CA THR E 238 39.15 -4.28 -12.96
C THR E 238 39.08 -5.09 -14.26
N HIS E 239 39.66 -6.30 -14.25
CA HIS E 239 39.74 -7.18 -15.45
C HIS E 239 38.32 -7.56 -15.90
N THR E 240 37.42 -7.89 -14.98
CA THR E 240 36.04 -8.30 -15.30
C THR E 240 35.35 -7.12 -15.99
N ALA E 241 35.48 -5.93 -15.42
CA ALA E 241 34.86 -4.68 -15.95
C ALA E 241 35.44 -4.38 -17.34
N ARG E 242 36.75 -4.54 -17.53
CA ARG E 242 37.43 -4.19 -18.81
C ARG E 242 37.05 -5.19 -19.89
N MET E 243 36.93 -6.47 -19.55
CA MET E 243 36.41 -7.48 -20.51
C MET E 243 34.96 -7.12 -20.90
N ALA E 244 34.16 -6.68 -19.93
CA ALA E 244 32.74 -6.29 -20.17
C ALA E 244 32.67 -5.01 -21.01
N ASP E 245 33.64 -4.10 -20.88
CA ASP E 245 33.71 -2.87 -21.70
C ASP E 245 33.77 -3.23 -23.20
N LYS E 246 34.34 -4.39 -23.55
CA LYS E 246 34.53 -4.82 -24.96
C LYS E 246 33.26 -5.47 -25.52
N LEU E 247 32.20 -5.59 -24.72
CA LEU E 247 30.90 -6.14 -25.17
C LEU E 247 30.03 -5.00 -25.73
N ARG E 248 30.24 -3.78 -25.23
CA ARG E 248 29.65 -2.54 -25.79
C ARG E 248 30.50 -2.09 -27.00
N LEU F 3 24.69 -25.62 -15.79
CA LEU F 3 25.73 -25.99 -14.85
C LEU F 3 26.69 -24.82 -14.67
N PRO F 5 28.83 -21.91 -15.22
CA PRO F 5 29.47 -21.31 -16.39
C PRO F 5 29.38 -22.19 -17.66
N VAL F 6 29.00 -23.47 -17.51
CA VAL F 6 28.75 -24.37 -18.67
C VAL F 6 27.26 -24.32 -19.00
N PRO F 7 26.88 -23.87 -20.22
CA PRO F 7 25.47 -23.64 -20.53
C PRO F 7 24.62 -24.93 -20.53
N GLU F 8 25.19 -26.07 -20.91
CA GLU F 8 24.52 -27.41 -20.92
C GLU F 8 24.00 -27.72 -19.53
N GLY G 20 -27.40 1.09 14.08
CA GLY G 20 -25.97 1.47 13.83
C GLY G 20 -25.18 0.38 13.11
N ASP G 21 -25.67 -0.87 13.10
CA ASP G 21 -24.98 -2.03 12.49
C ASP G 21 -25.14 -1.99 10.97
N GLN G 22 -24.11 -2.45 10.26
CA GLN G 22 -24.08 -2.55 8.78
C GLN G 22 -23.93 -4.03 8.39
N ARG G 23 -24.74 -4.51 7.46
CA ARG G 23 -24.68 -5.90 6.95
C ARG G 23 -23.88 -5.89 5.64
N PHE G 24 -23.06 -6.91 5.42
CA PHE G 24 -22.41 -7.19 4.12
C PHE G 24 -22.39 -8.71 3.93
N GLY G 25 -23.22 -9.22 3.03
CA GLY G 25 -23.43 -10.66 2.86
C GLY G 25 -23.89 -11.27 4.17
N ASP G 26 -23.14 -12.26 4.69
CA ASP G 26 -23.47 -13.00 5.95
C ASP G 26 -22.90 -12.29 7.18
N LEU G 27 -22.20 -11.16 7.00
CA LEU G 27 -21.44 -10.50 8.09
C LEU G 27 -22.11 -9.22 8.55
N VAL G 28 -21.84 -8.87 9.80
CA VAL G 28 -22.29 -7.62 10.48
C VAL G 28 -21.06 -6.86 10.98
N PHE G 29 -21.02 -5.55 10.71
CA PHE G 29 -19.99 -4.61 11.16
C PHE G 29 -20.65 -3.55 12.03
N ARG G 30 -20.03 -3.27 13.19
CA ARG G 30 -20.44 -2.21 14.12
C ARG G 30 -19.23 -1.34 14.42
N GLN G 31 -19.30 -0.05 14.12
CA GLN G 31 -18.21 0.90 14.47
C GLN G 31 -18.22 1.09 15.99
N LEU G 32 -17.07 0.92 16.62
CA LEU G 32 -16.93 1.00 18.11
C LEU G 32 -16.22 2.31 18.46
N ALA G 33 -15.42 2.83 17.54
CA ALA G 33 -14.62 4.05 17.70
C ALA G 33 -14.34 4.62 16.32
N PRO G 34 -13.85 5.87 16.21
CA PRO G 34 -13.56 6.46 14.91
C PRO G 34 -12.78 5.55 13.95
N ASN G 35 -11.86 4.73 14.46
CA ASN G 35 -10.98 3.86 13.61
C ASN G 35 -11.10 2.36 13.99
N VAL G 36 -12.19 1.95 14.64
CA VAL G 36 -12.33 0.54 15.11
C VAL G 36 -13.75 0.06 14.82
N TRP G 37 -13.85 -1.09 14.16
CA TRP G 37 -15.12 -1.83 13.93
C TRP G 37 -15.00 -3.21 14.54
N GLN G 38 -16.12 -3.72 15.01
CA GLN G 38 -16.30 -5.15 15.33
C GLN G 38 -16.86 -5.84 14.09
N HIS G 39 -16.23 -6.92 13.64
CA HIS G 39 -16.81 -7.86 12.65
C HIS G 39 -17.47 -9.01 13.41
N THR G 40 -18.66 -9.41 12.96
CA THR G 40 -19.40 -10.55 13.52
C THR G 40 -19.75 -11.48 12.37
N SER G 41 -19.41 -12.74 12.51
CA SER G 41 -19.79 -13.83 11.59
C SER G 41 -20.54 -14.88 12.41
N TYR G 42 -21.31 -15.73 11.75
CA TYR G 42 -22.24 -16.70 12.39
C TYR G 42 -22.01 -18.07 11.77
N LEU G 43 -22.00 -19.09 12.64
CA LEU G 43 -22.05 -20.50 12.20
C LEU G 43 -23.33 -21.09 12.80
N ASP G 44 -24.26 -21.54 11.95
CA ASP G 44 -25.48 -22.28 12.35
C ASP G 44 -25.08 -23.74 12.60
N MET G 45 -25.19 -24.19 13.85
CA MET G 45 -24.90 -25.58 14.25
C MET G 45 -26.24 -26.28 14.50
N PRO G 46 -26.54 -27.40 13.81
CA PRO G 46 -27.75 -28.17 14.11
C PRO G 46 -27.83 -28.52 15.60
N GLY G 47 -28.93 -28.13 16.27
CA GLY G 47 -29.20 -28.48 17.68
C GLY G 47 -28.59 -27.49 18.67
N PHE G 48 -27.79 -26.52 18.20
CA PHE G 48 -27.21 -25.43 19.04
C PHE G 48 -27.74 -24.07 18.59
N GLY G 49 -28.00 -23.88 17.30
CA GLY G 49 -28.45 -22.60 16.70
C GLY G 49 -27.28 -21.81 16.14
N ALA G 50 -27.52 -20.57 15.68
CA ALA G 50 -26.51 -19.66 15.11
C ALA G 50 -25.59 -19.13 16.22
N VAL G 51 -24.27 -19.22 16.05
CA VAL G 51 -23.27 -18.73 17.05
C VAL G 51 -22.52 -17.55 16.44
N ALA G 52 -22.61 -16.39 17.07
CA ALA G 52 -21.85 -15.17 16.71
C ALA G 52 -20.39 -15.35 17.17
N SER G 53 -19.44 -14.91 16.35
CA SER G 53 -18.04 -14.68 16.77
C SER G 53 -17.61 -13.30 16.30
N ASN G 54 -17.03 -12.54 17.23
CA ASN G 54 -16.58 -11.14 17.01
C ASN G 54 -15.06 -11.10 16.84
N GLY G 55 -14.61 -10.29 15.89
CA GLY G 55 -13.23 -9.81 15.83
C GLY G 55 -13.21 -8.30 15.65
N LEU G 56 -12.03 -7.77 15.33
CA LEU G 56 -11.84 -6.31 15.16
C LEU G 56 -11.20 -6.01 13.80
N ILE G 57 -11.53 -4.82 13.32
CA ILE G 57 -10.90 -4.14 12.16
C ILE G 57 -10.45 -2.78 12.70
N VAL G 58 -9.18 -2.46 12.49
CA VAL G 58 -8.56 -1.20 12.98
C VAL G 58 -7.97 -0.46 11.78
N ARG G 59 -8.40 0.78 11.57
CA ARG G 59 -7.78 1.71 10.61
C ARG G 59 -6.63 2.41 11.32
N ASP G 60 -5.41 2.27 10.79
CA ASP G 60 -4.19 2.91 11.32
C ASP G 60 -3.54 3.74 10.21
N GLY G 61 -3.91 5.02 10.10
CA GLY G 61 -3.48 5.90 8.98
C GLY G 61 -3.93 5.33 7.65
N GLY G 62 -2.99 4.90 6.81
CA GLY G 62 -3.26 4.43 5.43
C GLY G 62 -3.29 2.92 5.31
N ARG G 63 -3.46 2.19 6.41
CA ARG G 63 -3.59 0.71 6.37
C ARG G 63 -4.65 0.23 7.36
N VAL G 64 -5.09 -1.01 7.16
CA VAL G 64 -6.07 -1.68 8.06
C VAL G 64 -5.37 -2.90 8.67
N LEU G 65 -5.64 -3.13 9.97
CA LEU G 65 -5.16 -4.30 10.75
C LEU G 65 -6.41 -5.09 11.16
N VAL G 66 -6.39 -6.42 11.02
CA VAL G 66 -7.54 -7.28 11.40
C VAL G 66 -7.15 -8.12 12.62
N VAL G 67 -8.09 -8.27 13.55
CA VAL G 67 -7.96 -9.19 14.71
C VAL G 67 -9.00 -10.28 14.51
N ASP G 68 -8.52 -11.50 14.31
CA ASP G 68 -9.30 -12.75 14.15
C ASP G 68 -9.93 -12.81 12.75
N THR G 69 -10.02 -14.03 12.22
CA THR G 69 -10.80 -14.33 11.00
C THR G 69 -12.25 -14.48 11.42
N ALA G 70 -13.10 -14.76 10.43
CA ALA G 70 -14.46 -15.30 10.64
C ALA G 70 -14.35 -16.82 10.77
N TRP G 71 -15.47 -17.48 11.00
CA TRP G 71 -15.58 -18.96 11.11
C TRP G 71 -14.99 -19.64 9.86
N THR G 72 -15.15 -19.05 8.67
CA THR G 72 -14.82 -19.72 7.39
C THR G 72 -14.01 -18.78 6.47
N ASP G 73 -13.40 -19.39 5.45
CA ASP G 73 -12.68 -18.69 4.35
C ASP G 73 -13.66 -17.75 3.63
N ASP G 74 -14.85 -18.23 3.27
CA ASP G 74 -15.88 -17.44 2.54
C ASP G 74 -16.28 -16.21 3.37
N GLN G 75 -16.56 -16.40 4.65
CA GLN G 75 -16.92 -15.27 5.55
C GLN G 75 -15.73 -14.31 5.64
N THR G 76 -14.50 -14.82 5.73
CA THR G 76 -13.29 -13.97 5.88
C THR G 76 -13.06 -13.16 4.59
N ALA G 77 -13.26 -13.79 3.43
CA ALA G 77 -13.25 -13.08 2.11
C ALA G 77 -14.24 -11.91 2.16
N GLN G 78 -15.44 -12.12 2.72
CA GLN G 78 -16.47 -11.06 2.80
C GLN G 78 -15.97 -9.93 3.71
N ILE G 79 -15.22 -10.23 4.77
CA ILE G 79 -14.64 -9.16 5.64
C ILE G 79 -13.72 -8.31 4.75
N LEU G 80 -12.87 -8.95 3.94
CA LEU G 80 -11.88 -8.23 3.10
C LEU G 80 -12.61 -7.35 2.08
N ASN G 81 -13.75 -7.84 1.57
CA ASN G 81 -14.54 -7.10 0.55
C ASN G 81 -15.21 -5.92 1.22
N TRP G 82 -15.80 -6.09 2.40
CA TRP G 82 -16.37 -4.95 3.19
C TRP G 82 -15.30 -3.90 3.43
N ILE G 83 -14.09 -4.31 3.83
CA ILE G 83 -13.00 -3.33 4.11
C ILE G 83 -12.70 -2.57 2.82
N LYS G 84 -12.57 -3.29 1.71
CA LYS G 84 -12.21 -2.67 0.40
C LYS G 84 -13.30 -1.65 0.03
N GLN G 85 -14.57 -1.98 0.26
CA GLN G 85 -15.72 -1.11 -0.11
C GLN G 85 -15.86 0.05 0.88
N GLU G 86 -15.84 -0.20 2.19
CA GLU G 86 -16.19 0.85 3.17
C GLU G 86 -14.95 1.67 3.57
N ILE G 87 -13.76 1.06 3.62
CA ILE G 87 -12.54 1.76 4.13
C ILE G 87 -11.58 2.01 2.96
N ASN G 88 -11.48 1.09 2.01
CA ASN G 88 -10.65 1.21 0.78
C ASN G 88 -9.22 1.60 1.17
N LEU G 89 -8.60 0.81 2.06
CA LEU G 89 -7.14 0.86 2.39
C LEU G 89 -6.64 -0.59 2.41
N PRO G 90 -5.34 -0.85 2.16
CA PRO G 90 -4.84 -2.22 2.20
C PRO G 90 -4.81 -2.77 3.63
N VAL G 91 -5.11 -4.07 3.75
CA VAL G 91 -4.92 -4.83 5.01
C VAL G 91 -3.44 -5.18 5.10
N ALA G 92 -2.72 -4.53 6.00
CA ALA G 92 -1.27 -4.75 6.26
C ALA G 92 -1.06 -6.10 6.94
N LEU G 93 -1.93 -6.50 7.87
CA LEU G 93 -1.68 -7.73 8.67
C LEU G 93 -2.95 -8.13 9.42
N ALA G 94 -3.00 -9.38 9.81
CA ALA G 94 -4.02 -9.93 10.72
C ALA G 94 -3.29 -10.63 11.87
N VAL G 95 -3.81 -10.45 13.09
CA VAL G 95 -3.40 -11.23 14.29
C VAL G 95 -4.61 -12.05 14.73
N VAL G 96 -4.41 -13.32 15.05
CA VAL G 96 -5.48 -14.28 15.41
C VAL G 96 -5.18 -14.79 16.82
N THR G 97 -6.21 -14.96 17.66
CA THR G 97 -6.03 -14.90 19.12
C THR G 97 -5.99 -16.30 19.75
N HIS G 98 -6.31 -17.36 19.00
CA HIS G 98 -5.98 -18.77 19.34
C HIS G 98 -6.42 -19.70 18.20
N ALA G 99 -5.99 -20.96 18.28
CA ALA G 99 -6.18 -22.00 17.26
C ALA G 99 -7.51 -22.72 17.51
N HIS G 100 -8.62 -21.99 17.34
CA HIS G 100 -9.99 -22.56 17.20
C HIS G 100 -10.62 -21.94 15.96
N GLN G 101 -11.67 -22.60 15.44
CA GLN G 101 -12.30 -22.26 14.14
C GLN G 101 -12.82 -20.83 14.09
N ASP G 102 -13.39 -20.32 15.18
CA ASP G 102 -14.00 -18.97 15.25
C ASP G 102 -12.94 -17.89 15.03
N LYS G 103 -11.68 -18.17 15.37
CA LYS G 103 -10.58 -17.17 15.34
C LYS G 103 -9.65 -17.41 14.13
N MET G 104 -9.53 -18.65 13.67
CA MET G 104 -8.51 -19.02 12.66
C MET G 104 -9.12 -19.80 11.49
N GLY G 105 -10.46 -19.95 11.41
CA GLY G 105 -11.11 -20.71 10.32
C GLY G 105 -10.82 -20.14 8.92
N GLY G 106 -10.46 -18.85 8.83
CA GLY G 106 -10.35 -18.11 7.55
C GLY G 106 -8.93 -17.79 7.14
N MET G 107 -7.95 -18.50 7.69
CA MET G 107 -6.51 -18.20 7.40
C MET G 107 -6.22 -18.32 5.90
N ASP G 108 -6.75 -19.34 5.22
CA ASP G 108 -6.51 -19.54 3.75
C ASP G 108 -6.98 -18.30 2.98
N ALA G 109 -8.11 -17.69 3.34
CA ALA G 109 -8.63 -16.47 2.67
C ALA G 109 -7.66 -15.31 2.88
N LEU G 110 -7.12 -15.13 4.09
CA LEU G 110 -6.11 -14.06 4.34
C LEU G 110 -4.88 -14.30 3.46
N HIS G 111 -4.40 -15.56 3.43
CA HIS G 111 -3.16 -15.94 2.70
C HIS G 111 -3.38 -15.74 1.18
N ALA G 112 -4.54 -16.13 0.66
CA ALA G 112 -4.92 -15.97 -0.78
C ALA G 112 -4.93 -14.49 -1.15
N ALA G 113 -5.17 -13.58 -0.20
CA ALA G 113 -5.19 -12.11 -0.42
C ALA G 113 -3.80 -11.50 -0.21
N GLY G 114 -2.79 -12.31 0.11
CA GLY G 114 -1.40 -11.84 0.35
C GLY G 114 -1.28 -11.02 1.64
N ILE G 115 -2.11 -11.31 2.64
CA ILE G 115 -2.07 -10.62 3.97
C ILE G 115 -1.12 -11.38 4.89
N ALA G 116 -0.15 -10.67 5.49
CA ALA G 116 0.76 -11.22 6.53
C ALA G 116 -0.06 -11.58 7.79
N THR G 117 0.06 -12.82 8.26
CA THR G 117 -0.69 -13.33 9.44
C THR G 117 0.26 -13.63 10.60
N TYR G 118 -0.20 -13.29 11.80
CA TYR G 118 0.52 -13.44 13.08
C TYR G 118 -0.38 -14.22 14.04
N ALA G 119 0.22 -15.15 14.77
CA ALA G 119 -0.39 -15.83 15.92
C ALA G 119 0.72 -16.14 16.93
N ASN G 120 0.31 -16.33 18.19
CA ASN G 120 1.14 -16.97 19.23
C ASN G 120 1.85 -18.18 18.58
N ALA G 121 3.17 -18.29 18.76
CA ALA G 121 3.95 -19.49 18.36
C ALA G 121 3.19 -20.76 18.76
N LEU G 122 2.62 -20.81 19.98
CA LEU G 122 1.89 -22.00 20.47
C LEU G 122 0.62 -22.24 19.65
N SER G 123 -0.06 -21.18 19.19
CA SER G 123 -1.25 -21.29 18.30
C SER G 123 -0.80 -21.98 17.00
N ASN G 124 0.32 -21.53 16.44
CA ASN G 124 0.88 -22.07 15.17
C ASN G 124 1.26 -23.54 15.38
N GLN G 125 1.83 -23.90 16.55
CA GLN G 125 2.23 -25.29 16.87
C GLN G 125 0.98 -26.16 17.05
N LEU G 126 -0.08 -25.64 17.69
CA LEU G 126 -1.31 -26.41 17.97
C LEU G 126 -2.19 -26.51 16.71
N ALA G 127 -2.01 -25.61 15.73
CA ALA G 127 -2.96 -25.39 14.62
C ALA G 127 -3.30 -26.72 13.95
N PRO G 128 -2.31 -27.54 13.51
CA PRO G 128 -2.61 -28.80 12.83
C PRO G 128 -3.51 -29.69 13.69
N GLN G 129 -3.21 -29.84 14.97
CA GLN G 129 -4.01 -30.69 15.88
C GLN G 129 -5.43 -30.13 16.06
N GLU G 130 -5.61 -28.81 15.94
CA GLU G 130 -6.95 -28.18 16.12
C GLU G 130 -7.66 -28.07 14.76
N GLY G 131 -7.07 -28.60 13.70
CA GLY G 131 -7.66 -28.58 12.35
C GLY G 131 -7.53 -27.23 11.68
N MET G 132 -6.64 -26.36 12.16
CA MET G 132 -6.47 -24.98 11.65
C MET G 132 -5.22 -24.91 10.78
N VAL G 133 -5.21 -23.96 9.86
CA VAL G 133 -3.99 -23.50 9.12
C VAL G 133 -3.24 -22.51 9.99
N ALA G 134 -1.93 -22.73 10.15
CA ALA G 134 -1.03 -21.87 10.93
C ALA G 134 -0.89 -20.50 10.28
N ALA G 135 -0.65 -19.46 11.08
CA ALA G 135 -0.27 -18.11 10.59
C ALA G 135 1.14 -18.20 9.99
N GLN G 136 1.53 -17.22 9.18
CA GLN G 136 2.88 -17.15 8.54
C GLN G 136 3.93 -16.85 9.60
N HIS G 137 3.58 -16.07 10.62
CA HIS G 137 4.51 -15.49 11.61
C HIS G 137 4.08 -15.91 13.03
N SER G 138 5.06 -16.21 13.86
CA SER G 138 4.88 -16.58 15.28
C SER G 138 5.22 -15.36 16.17
N LEU G 139 4.28 -15.01 17.06
CA LEU G 139 4.52 -14.07 18.17
C LEU G 139 5.12 -14.82 19.36
N THR G 140 6.09 -14.22 20.04
CA THR G 140 6.60 -14.75 21.32
C THR G 140 6.42 -13.67 22.39
N PHE G 141 6.52 -14.09 23.65
CA PHE G 141 6.09 -13.27 24.83
C PHE G 141 7.20 -13.31 25.88
N ALA G 142 7.40 -12.18 26.55
CA ALA G 142 8.21 -12.04 27.77
C ALA G 142 7.48 -12.77 28.89
N ALA G 143 8.19 -13.00 30.00
CA ALA G 143 7.63 -13.67 31.20
C ALA G 143 6.50 -12.82 31.79
N ASN G 144 6.46 -11.50 31.50
CA ASN G 144 5.40 -10.58 32.02
C ASN G 144 4.17 -10.59 31.10
N GLY G 145 4.20 -11.33 29.98
CA GLY G 145 3.02 -11.50 29.09
C GLY G 145 3.03 -10.60 27.88
N TRP G 146 3.83 -9.53 27.89
CA TRP G 146 3.89 -8.58 26.75
C TRP G 146 4.62 -9.22 25.55
N VAL G 147 4.08 -9.02 24.35
CA VAL G 147 4.68 -9.54 23.08
C VAL G 147 6.10 -8.98 22.96
N GLU G 148 7.03 -9.81 22.48
CA GLU G 148 8.40 -9.40 22.09
C GLU G 148 8.28 -8.55 20.84
N PRO G 149 8.61 -7.23 20.91
CA PRO G 149 8.33 -6.29 19.83
C PRO G 149 8.85 -6.72 18.44
N ALA G 150 9.98 -7.42 18.39
CA ALA G 150 10.64 -7.84 17.15
C ALA G 150 9.79 -8.90 16.43
N THR G 151 8.93 -9.64 17.15
CA THR G 151 8.04 -10.65 16.55
C THR G 151 6.76 -9.99 16.04
N ALA G 152 6.47 -8.75 16.45
CA ALA G 152 5.25 -7.99 16.07
C ALA G 152 5.64 -6.64 15.44
N PRO G 153 6.38 -6.63 14.31
CA PRO G 153 6.84 -5.38 13.71
C PRO G 153 5.67 -4.61 13.08
N ASN G 154 5.66 -3.29 13.30
CA ASN G 154 4.70 -2.33 12.68
C ASN G 154 3.27 -2.69 13.07
N PHE G 155 3.03 -3.04 14.33
CA PHE G 155 1.67 -3.38 14.83
C PHE G 155 0.89 -2.10 15.15
N GLY G 156 1.54 -0.94 15.01
CA GLY G 156 0.90 0.38 15.18
C GLY G 156 0.22 0.46 16.54
N PRO G 157 -1.12 0.69 16.61
CA PRO G 157 -1.79 0.80 17.90
C PRO G 157 -2.08 -0.57 18.58
N LEU G 158 -1.84 -1.70 17.89
CA LEU G 158 -2.16 -3.02 18.46
C LEU G 158 -1.14 -3.37 19.55
N LYS G 159 -1.59 -3.52 20.79
CA LYS G 159 -0.77 -3.92 21.95
C LYS G 159 -1.14 -5.35 22.32
N VAL G 160 -0.27 -6.32 21.99
CA VAL G 160 -0.59 -7.76 22.14
C VAL G 160 -0.03 -8.26 23.47
N PHE G 161 -0.87 -8.93 24.22
CA PHE G 161 -0.57 -9.43 25.59
C PHE G 161 -1.04 -10.87 25.72
N TYR G 162 -0.13 -11.74 26.15
CA TYR G 162 -0.45 -13.13 26.52
C TYR G 162 -0.72 -13.18 28.01
N PRO G 163 -1.99 -13.37 28.44
CA PRO G 163 -2.36 -13.24 29.86
C PRO G 163 -2.04 -14.50 30.66
N GLY G 164 -1.69 -15.58 29.97
CA GLY G 164 -1.53 -16.92 30.56
C GLY G 164 -2.68 -17.82 30.13
N PRO G 165 -2.59 -19.13 30.44
CA PRO G 165 -3.59 -20.09 29.99
C PRO G 165 -4.94 -19.84 30.66
N GLY G 166 -6.02 -20.01 29.89
CA GLY G 166 -7.39 -19.83 30.40
C GLY G 166 -8.36 -20.57 29.52
N HIS G 167 -8.97 -19.87 28.57
CA HIS G 167 -9.87 -20.46 27.55
C HIS G 167 -9.13 -21.57 26.82
N THR G 168 -7.89 -21.29 26.44
CA THR G 168 -6.90 -22.25 25.90
C THR G 168 -5.53 -21.89 26.47
N SER G 169 -4.53 -22.74 26.24
CA SER G 169 -3.13 -22.47 26.67
CA SER G 169 -3.14 -22.44 26.70
C SER G 169 -2.54 -21.32 25.82
N ASP G 170 -3.06 -21.11 24.61
CA ASP G 170 -2.45 -20.22 23.59
C ASP G 170 -3.22 -18.89 23.46
N ASN G 171 -4.34 -18.69 24.16
CA ASN G 171 -5.19 -17.46 24.00
C ASN G 171 -4.33 -16.21 24.24
N ILE G 172 -4.43 -15.26 23.30
CA ILE G 172 -3.81 -13.92 23.43
C ILE G 172 -4.91 -12.86 23.39
N THR G 173 -4.53 -11.65 23.78
CA THR G 173 -5.43 -10.49 23.90
C THR G 173 -4.76 -9.29 23.24
N VAL G 174 -5.56 -8.28 22.88
CA VAL G 174 -5.07 -7.11 22.11
C VAL G 174 -5.76 -5.84 22.62
N GLY G 175 -4.99 -4.86 23.05
CA GLY G 175 -5.46 -3.49 23.34
C GLY G 175 -5.23 -2.60 22.12
N ILE G 176 -6.12 -1.64 21.89
CA ILE G 176 -5.96 -0.63 20.80
C ILE G 176 -5.55 0.69 21.46
N ASP G 177 -4.27 1.00 21.41
CA ASP G 177 -3.69 2.29 21.86
C ASP G 177 -4.44 3.46 21.21
N GLY G 178 -4.71 4.52 21.96
CA GLY G 178 -5.46 5.71 21.50
C GLY G 178 -6.96 5.48 21.54
N THR G 179 -7.43 4.37 22.11
CA THR G 179 -8.88 4.07 22.28
C THR G 179 -9.12 3.59 23.71
N ASP G 180 -10.38 3.37 24.07
CA ASP G 180 -10.80 2.80 25.38
C ASP G 180 -10.98 1.29 25.23
N ILE G 181 -10.51 0.69 24.13
CA ILE G 181 -10.88 -0.70 23.73
C ILE G 181 -9.74 -1.67 24.08
N ALA G 182 -10.09 -2.79 24.73
CA ALA G 182 -9.23 -4.00 24.83
C ALA G 182 -10.05 -5.22 24.43
N PHE G 183 -9.45 -6.12 23.64
CA PHE G 183 -10.09 -7.35 23.11
C PHE G 183 -9.62 -8.56 23.92
N GLY G 184 -10.54 -9.23 24.61
CA GLY G 184 -10.27 -10.42 25.44
C GLY G 184 -10.41 -11.71 24.64
N GLY G 185 -10.94 -11.61 23.43
CA GLY G 185 -11.26 -12.80 22.62
C GLY G 185 -12.19 -13.70 23.40
N CYS G 186 -11.94 -15.00 23.40
CA CYS G 186 -12.80 -16.04 24.03
C CYS G 186 -12.44 -16.22 25.52
N LEU G 187 -11.39 -15.56 26.02
CA LEU G 187 -11.01 -15.63 27.45
C LEU G 187 -12.10 -14.97 28.31
N ILE G 188 -12.61 -13.82 27.86
CA ILE G 188 -13.54 -12.96 28.67
C ILE G 188 -15.00 -13.21 28.26
N LYS G 189 -15.87 -13.40 29.26
CA LYS G 189 -17.34 -13.53 29.08
C LYS G 189 -18.02 -12.24 29.57
N ASP G 190 -19.24 -11.97 29.11
CA ASP G 190 -19.91 -10.68 29.45
C ASP G 190 -20.29 -10.68 30.94
N SER G 191 -20.51 -9.50 31.51
CA SER G 191 -20.78 -9.25 32.95
C SER G 191 -22.06 -9.96 33.41
N LYS G 192 -22.91 -10.41 32.49
CA LYS G 192 -24.22 -11.07 32.80
C LYS G 192 -24.15 -12.58 32.52
N ALA G 193 -23.02 -13.12 32.12
CA ALA G 193 -22.89 -14.55 31.73
C ALA G 193 -23.25 -15.43 32.92
N LYS G 194 -24.00 -16.51 32.66
CA LYS G 194 -24.40 -17.49 33.70
CA LYS G 194 -24.44 -17.61 33.55
C LYS G 194 -23.25 -18.47 34.01
N SER G 195 -22.30 -18.66 33.10
CA SER G 195 -21.14 -19.59 33.27
C SER G 195 -19.99 -19.17 32.35
N LEU G 196 -18.85 -19.86 32.45
CA LEU G 196 -17.69 -19.65 31.53
C LEU G 196 -17.92 -20.40 30.22
N GLY G 197 -19.01 -21.15 30.12
CA GLY G 197 -19.33 -21.93 28.91
C GLY G 197 -18.32 -23.05 28.70
N ASN G 198 -17.80 -23.21 27.48
CA ASN G 198 -17.00 -24.38 27.02
C ASN G 198 -15.62 -24.38 27.71
N LEU G 199 -15.36 -25.35 28.60
CA LEU G 199 -14.09 -25.48 29.34
C LEU G 199 -13.28 -26.66 28.79
N GLY G 200 -13.69 -27.24 27.66
CA GLY G 200 -13.03 -28.41 27.03
C GLY G 200 -11.52 -28.29 26.92
N ASP G 201 -11.01 -27.19 26.37
CA ASP G 201 -9.56 -26.97 26.09
C ASP G 201 -8.96 -26.02 27.14
N ALA G 202 -9.69 -25.73 28.22
CA ALA G 202 -9.36 -24.65 29.18
C ALA G 202 -8.41 -25.16 30.26
N ASP G 203 -7.63 -24.22 30.80
CA ASP G 203 -6.79 -24.42 31.99
C ASP G 203 -7.57 -23.85 33.16
N THR G 204 -8.31 -24.70 33.85
CA THR G 204 -9.21 -24.26 34.95
C THR G 204 -8.38 -23.77 36.13
N GLU G 205 -7.15 -24.28 36.29
CA GLU G 205 -6.28 -23.88 37.42
C GLU G 205 -5.89 -22.40 37.28
N HIS G 206 -5.50 -21.97 36.08
CA HIS G 206 -4.86 -20.65 35.83
C HIS G 206 -5.85 -19.62 35.27
N TYR G 207 -7.07 -20.01 34.95
CA TYR G 207 -8.07 -19.17 34.22
C TYR G 207 -8.27 -17.84 34.97
N ALA G 208 -8.57 -17.87 36.27
CA ALA G 208 -8.88 -16.66 37.05
C ALA G 208 -7.72 -15.67 36.97
N ALA G 209 -6.49 -16.13 37.22
CA ALA G 209 -5.29 -15.28 37.22
C ALA G 209 -5.07 -14.70 35.81
N SER G 210 -5.31 -15.48 34.76
CA SER G 210 -5.12 -15.02 33.36
C SER G 210 -6.14 -13.92 33.03
N ALA G 211 -7.41 -14.08 33.44
CA ALA G 211 -8.48 -13.07 33.29
C ALA G 211 -8.05 -11.78 33.99
N ARG G 212 -7.56 -11.91 35.23
CA ARG G 212 -7.12 -10.73 36.03
C ARG G 212 -5.88 -10.11 35.38
N ALA G 213 -4.98 -10.90 34.79
CA ALA G 213 -3.76 -10.37 34.14
C ALA G 213 -4.16 -9.50 32.94
N PHE G 214 -5.15 -9.93 32.17
CA PHE G 214 -5.71 -9.19 30.99
C PHE G 214 -6.18 -7.80 31.46
N GLY G 215 -6.95 -7.79 32.55
CA GLY G 215 -7.39 -6.59 33.27
C GLY G 215 -6.23 -5.69 33.63
N ALA G 216 -5.19 -6.23 34.26
CA ALA G 216 -4.02 -5.45 34.74
C ALA G 216 -3.21 -4.94 33.55
N ALA G 217 -3.18 -5.68 32.42
CA ALA G 217 -2.39 -5.29 31.23
C ALA G 217 -2.97 -4.02 30.60
N PHE G 218 -4.30 -3.88 30.61
CA PHE G 218 -5.03 -2.77 29.94
C PHE G 218 -5.88 -2.02 30.97
N PRO G 219 -5.25 -1.36 31.98
CA PRO G 219 -6.02 -0.78 33.08
C PRO G 219 -6.92 0.39 32.68
N LYS G 220 -6.67 1.03 31.53
CA LYS G 220 -7.42 2.23 31.08
C LYS G 220 -8.55 1.83 30.14
N ALA G 221 -8.63 0.57 29.72
CA ALA G 221 -9.67 0.09 28.78
C ALA G 221 -11.00 0.04 29.53
N SER G 222 -11.98 0.81 29.05
CA SER G 222 -13.36 0.85 29.63
C SER G 222 -14.32 0.09 28.71
N MET G 223 -13.95 -0.17 27.46
CA MET G 223 -14.76 -0.98 26.53
C MET G 223 -14.05 -2.31 26.27
N ILE G 224 -14.65 -3.40 26.72
CA ILE G 224 -14.07 -4.77 26.64
C ILE G 224 -14.85 -5.50 25.55
N VAL G 225 -14.16 -5.78 24.45
CA VAL G 225 -14.71 -6.55 23.30
C VAL G 225 -14.35 -8.02 23.53
N MET G 226 -15.26 -8.92 23.21
CA MET G 226 -15.03 -10.37 23.39
C MET G 226 -15.70 -11.12 22.24
N SER G 227 -15.39 -12.40 22.12
CA SER G 227 -15.72 -13.22 20.92
C SER G 227 -17.23 -13.45 20.80
N HIS G 228 -17.95 -13.66 21.91
CA HIS G 228 -19.31 -14.25 21.88
C HIS G 228 -20.34 -13.37 22.60
N SER G 229 -20.01 -12.12 22.93
CA SER G 229 -20.94 -11.12 23.48
C SER G 229 -20.64 -9.75 22.91
N ALA G 230 -21.62 -8.86 23.01
CA ALA G 230 -21.51 -7.43 22.65
C ALA G 230 -20.50 -6.78 23.59
N PRO G 231 -19.84 -5.70 23.14
CA PRO G 231 -18.87 -4.99 23.95
C PRO G 231 -19.46 -4.65 25.33
N ASP G 232 -18.64 -4.75 26.38
CA ASP G 232 -19.11 -4.63 27.78
C ASP G 232 -18.16 -3.69 28.53
N SER G 233 -18.51 -3.41 29.77
CA SER G 233 -17.64 -2.67 30.73
CA SER G 233 -17.62 -2.66 30.70
C SER G 233 -16.59 -3.63 31.32
N ARG G 234 -15.68 -3.09 32.12
CA ARG G 234 -14.66 -3.86 32.89
C ARG G 234 -15.33 -4.84 33.84
N ALA G 235 -16.64 -4.71 34.10
CA ALA G 235 -17.40 -5.71 34.89
C ALA G 235 -17.30 -7.10 34.24
N ALA G 236 -17.16 -7.18 32.91
CA ALA G 236 -16.95 -8.46 32.18
C ALA G 236 -15.70 -9.19 32.71
N ILE G 237 -14.62 -8.45 32.96
CA ILE G 237 -13.34 -9.01 33.44
C ILE G 237 -13.53 -9.51 34.88
N THR G 238 -14.02 -8.66 35.79
CA THR G 238 -14.24 -9.04 37.21
CA THR G 238 -14.30 -8.99 37.21
C THR G 238 -15.18 -10.25 37.27
N HIS G 239 -16.29 -10.25 36.52
CA HIS G 239 -17.26 -11.37 36.53
C HIS G 239 -16.60 -12.65 36.02
N THR G 240 -15.81 -12.57 34.94
CA THR G 240 -15.12 -13.74 34.35
C THR G 240 -14.16 -14.30 35.40
N ALA G 241 -13.37 -13.44 36.04
CA ALA G 241 -12.38 -13.86 37.05
C ALA G 241 -13.09 -14.53 38.23
N ARG G 242 -14.23 -13.97 38.68
CA ARG G 242 -14.95 -14.50 39.88
C ARG G 242 -15.58 -15.84 39.52
N MET G 243 -16.12 -16.00 38.32
CA MET G 243 -16.64 -17.31 37.85
C MET G 243 -15.49 -18.32 37.80
N ALA G 244 -14.30 -17.90 37.34
CA ALA G 244 -13.10 -18.77 37.21
C ALA G 244 -12.58 -19.14 38.60
N ASP G 245 -12.71 -18.25 39.59
CA ASP G 245 -12.32 -18.55 40.99
C ASP G 245 -13.03 -19.83 41.48
N LYS G 246 -14.26 -20.08 41.03
CA LYS G 246 -15.12 -21.21 41.48
C LYS G 246 -14.76 -22.52 40.75
N LEU G 247 -13.79 -22.50 39.83
CA LEU G 247 -13.30 -23.70 39.08
C LEU G 247 -12.16 -24.35 39.88
N ARG G 248 -11.46 -23.57 40.71
CA ARG G 248 -10.58 -24.11 41.78
C ARG G 248 -11.49 -24.51 42.95
N LEU H 3 -16.30 -26.25 17.13
CA LEU H 3 -16.93 -25.00 16.67
C LEU H 3 -17.05 -24.00 17.81
N PRO H 5 -17.62 -22.47 21.08
CA PRO H 5 -18.32 -22.93 22.28
C PRO H 5 -19.12 -24.25 22.10
N VAL H 6 -19.29 -24.67 20.86
CA VAL H 6 -19.99 -25.93 20.43
C VAL H 6 -18.96 -27.06 20.40
N PRO H 7 -19.17 -28.14 21.19
CA PRO H 7 -18.27 -29.28 21.22
C PRO H 7 -18.06 -29.97 19.87
N GLU H 8 -19.14 -30.13 19.10
CA GLU H 8 -19.14 -30.88 17.81
C GLU H 8 -18.21 -30.17 16.83
#